data_5J1M
#
_entry.id   5J1M
#
_cell.length_a   53.149
_cell.length_b   80.013
_cell.length_c   74.594
_cell.angle_alpha   90.00
_cell.angle_beta   104.43
_cell.angle_gamma   90.00
#
_symmetry.space_group_name_H-M   'P 1 21 1'
#
loop_
_entity.id
_entity.type
_entity.pdbx_description
1 polymer 'ToxR-activated gene (TagE)'
2 polymer 'ToxR-activated gene (TagE)'
3 non-polymer 'ZINC ION'
4 water water
#
loop_
_entity_poly.entity_id
_entity_poly.type
_entity_poly.pdbx_seq_one_letter_code
_entity_poly.pdbx_strand_id
1 'polypeptide(L)'
;MGSSHHHHHHSSGLVPRGSHAGITGLQKSFIMRLIPNDYPLESYRRVSAAFNKRIHPILHVLHNHTGLDLSTAINTPVYA
SASGVVGLASKGWNGGYGNLIKVFHPFGFKTYYAHLNKIVVKTGEFVKKGQLIGYSGNTGMSTGPHLHYEVRFLDQPINP
MSFTKWNMKDFEEVFNKERSIRWQSLITIINRLMQKQDQRLSSLKAQKLEHHHHHH
;
A,C
2 'polypeptide(L)'
;MLDNLNLAQKHLALMLIPNGMPIKTYSAIKPTKERNHPIKKIKGVESGIDFIAPLNTPVYASADGIVDFVKTNSNVGYGN
LVRIEHAFGFSSIYTHLDHVNVQPKSFIQKGQLIGYSGKSGNSGGEKLHYEVRFLGKILDAQKFLAWDLDHFQSALEENK
FIEWKNLFWVLEDIVQLQEHVDKDALISQ
;
B,D
#
loop_
_chem_comp.id
_chem_comp.type
_chem_comp.name
_chem_comp.formula
ZN non-polymer 'ZINC ION' 'Zn 2'
#
# COMPACT_ATOMS: atom_id res chain seq x y z
N THR A 24 21.63 14.47 9.34
CA THR A 24 22.13 15.83 9.76
C THR A 24 21.56 16.21 11.12
N GLY A 25 22.34 16.93 11.93
CA GLY A 25 21.91 17.42 13.24
C GLY A 25 20.69 18.34 13.27
N LEU A 26 20.45 19.07 12.19
CA LEU A 26 19.22 19.88 12.04
C LEU A 26 17.98 19.01 12.04
N GLN A 27 18.10 17.86 11.37
CA GLN A 27 17.04 16.90 11.33
C GLN A 27 16.75 16.36 12.73
N LYS A 28 17.78 16.23 13.57
CA LYS A 28 17.60 15.74 14.93
C LYS A 28 16.62 16.59 15.74
N SER A 29 16.89 17.89 15.79
CA SER A 29 16.01 18.85 16.43
C SER A 29 14.58 18.78 15.90
N PHE A 30 14.46 18.70 14.58
CA PHE A 30 13.19 18.72 13.92
C PHE A 30 12.38 17.48 14.32
N ILE A 31 13.01 16.33 14.15
CA ILE A 31 12.47 15.05 14.60
C ILE A 31 12.07 15.13 16.07
N MET A 32 12.91 15.74 16.90
CA MET A 32 12.60 15.86 18.31
C MET A 32 11.48 16.82 18.72
N ARG A 33 11.03 17.69 17.82
CA ARG A 33 9.80 18.48 18.02
C ARG A 33 8.51 17.68 17.84
N LEU A 34 8.58 16.60 17.06
CA LEU A 34 7.42 15.84 16.65
C LEU A 34 7.23 14.51 17.34
N ILE A 35 8.29 13.83 17.71
CA ILE A 35 8.21 12.50 18.33
C ILE A 35 8.62 12.66 19.79
N PRO A 36 7.84 12.11 20.73
CA PRO A 36 8.17 12.34 22.14
C PRO A 36 9.59 11.90 22.50
N ASN A 37 10.19 12.63 23.42
CA ASN A 37 11.51 12.31 23.92
C ASN A 37 11.76 13.04 25.20
N ASP A 38 12.80 12.58 25.91
CA ASP A 38 13.27 13.20 27.15
C ASP A 38 12.28 12.99 28.32
N TYR A 39 12.65 13.48 29.51
CA TYR A 39 11.76 13.43 30.68
C TYR A 39 10.86 14.67 30.73
N PRO A 40 9.57 14.47 31.02
CA PRO A 40 8.63 15.60 31.10
C PRO A 40 8.63 16.35 32.45
N LEU A 41 9.45 15.94 33.41
CA LEU A 41 9.77 16.70 34.64
C LEU A 41 11.20 17.19 34.58
N GLU A 42 11.39 18.45 34.90
CA GLU A 42 12.71 19.11 34.85
C GLU A 42 13.80 18.42 35.68
N SER A 43 13.48 18.06 36.92
CA SER A 43 14.47 17.50 37.84
C SER A 43 15.04 16.17 37.34
N TYR A 44 14.22 15.41 36.60
CA TYR A 44 14.68 14.14 35.99
C TYR A 44 15.55 14.30 34.76
N ARG A 45 15.37 15.38 34.01
CA ARG A 45 16.18 15.60 32.82
C ARG A 45 17.54 16.18 33.19
N ARG A 46 17.63 16.85 34.33
CA ARG A 46 18.88 17.43 34.84
C ARG A 46 19.86 16.36 35.35
N VAL A 47 19.45 15.61 36.37
CA VAL A 47 20.39 14.82 37.20
C VAL A 47 21.36 13.91 36.44
N SER A 48 20.85 13.09 35.53
CA SER A 48 21.64 12.06 34.82
C SER A 48 21.64 12.26 33.29
N ALA A 49 20.49 12.67 32.74
CA ALA A 49 20.36 12.95 31.31
C ALA A 49 21.20 14.18 30.87
N ALA A 50 21.07 15.28 31.60
CA ALA A 50 21.87 16.49 31.33
C ALA A 50 23.30 16.32 31.86
N PRO A 57 12.57 6.27 38.57
CA PRO A 57 11.88 5.86 37.34
C PRO A 57 11.66 4.34 37.31
N ILE A 58 10.42 3.92 37.58
CA ILE A 58 10.04 2.52 37.62
C ILE A 58 8.82 2.20 36.75
N LEU A 59 8.84 0.99 36.19
CA LEU A 59 7.85 0.55 35.24
C LEU A 59 6.60 0.08 35.95
N HIS A 60 5.46 0.46 35.38
CA HIS A 60 4.19 0.24 36.01
C HIS A 60 3.09 0.15 35.00
N VAL A 61 2.37 -0.97 35.03
CA VAL A 61 1.17 -1.12 34.22
C VAL A 61 -0.04 -0.64 35.04
N LEU A 62 -0.59 0.50 34.64
CA LEU A 62 -1.81 1.02 35.25
C LEU A 62 -3.05 0.59 34.44
N HIS A 63 -3.09 0.95 33.16
CA HIS A 63 -4.23 0.60 32.30
C HIS A 63 -3.81 0.00 30.95
N ASN A 64 -3.46 -1.29 30.99
CA ASN A 64 -3.12 -2.08 29.77
C ASN A 64 -1.82 -1.73 29.05
N HIS A 65 -1.12 -0.68 29.48
CA HIS A 65 0.12 -0.24 28.85
C HIS A 65 1.15 -0.05 29.93
N THR A 66 2.42 -0.26 29.60
CA THR A 66 3.51 -0.03 30.54
C THR A 66 3.76 1.47 30.60
N GLY A 67 3.49 2.05 31.76
CA GLY A 67 3.90 3.40 32.05
C GLY A 67 5.19 3.45 32.83
N LEU A 68 5.62 4.67 33.07
CA LEU A 68 6.77 4.95 33.90
C LEU A 68 6.26 5.83 35.04
N ASP A 69 6.61 5.49 36.28
CA ASP A 69 6.24 6.28 37.46
C ASP A 69 7.42 7.12 37.89
N LEU A 70 7.23 8.44 37.91
CA LEU A 70 8.29 9.38 38.26
C LEU A 70 7.90 10.05 39.56
N SER A 71 8.52 9.58 40.63
CA SER A 71 8.25 10.08 41.97
C SER A 71 8.62 11.55 42.04
N THR A 72 7.72 12.34 42.61
CA THR A 72 7.91 13.77 42.71
C THR A 72 6.80 14.35 43.56
N ALA A 73 7.07 15.49 44.19
CA ALA A 73 6.10 16.19 45.03
C ALA A 73 4.90 16.70 44.22
N ILE A 74 3.77 16.85 44.91
CA ILE A 74 2.57 17.47 44.35
C ILE A 74 2.89 18.89 43.83
N ASN A 75 2.30 19.21 42.69
CA ASN A 75 2.53 20.46 41.96
C ASN A 75 3.90 20.65 41.33
N THR A 76 4.59 19.56 41.04
CA THR A 76 5.77 19.64 40.21
C THR A 76 5.32 19.94 38.76
N PRO A 77 5.84 21.02 38.14
CA PRO A 77 5.42 21.33 36.76
C PRO A 77 5.69 20.21 35.76
N VAL A 78 4.76 20.00 34.83
CA VAL A 78 4.81 18.89 33.87
C VAL A 78 4.77 19.47 32.46
N TYR A 79 5.69 19.01 31.60
CA TYR A 79 5.95 19.60 30.28
C TYR A 79 5.71 18.58 29.18
N ALA A 80 5.20 19.05 28.04
CA ALA A 80 4.96 18.22 26.88
C ALA A 80 6.25 17.70 26.28
N SER A 81 6.29 16.40 26.04
CA SER A 81 7.46 15.71 25.48
C SER A 81 7.68 15.97 24.00
N ALA A 82 6.64 16.40 23.30
CA ALA A 82 6.73 16.84 21.91
C ALA A 82 5.53 17.72 21.56
N SER A 83 5.58 18.31 20.37
CA SER A 83 4.50 19.14 19.88
C SER A 83 3.28 18.28 19.51
N GLY A 84 2.10 18.88 19.48
CA GLY A 84 0.88 18.13 19.23
C GLY A 84 -0.37 18.86 19.65
N VAL A 85 -1.45 18.11 19.77
CA VAL A 85 -2.71 18.63 20.22
C VAL A 85 -3.06 17.88 21.52
N VAL A 86 -3.70 18.58 22.45
CA VAL A 86 -4.26 17.96 23.62
C VAL A 86 -5.52 17.22 23.16
N GLY A 87 -5.41 15.90 23.06
CA GLY A 87 -6.52 15.06 22.62
C GLY A 87 -7.52 14.83 23.70
N LEU A 88 -7.03 14.71 24.92
CA LEU A 88 -7.87 14.66 26.10
C LEU A 88 -7.23 15.40 27.23
N ALA A 89 -8.00 16.30 27.84
CA ALA A 89 -7.68 16.90 29.12
C ALA A 89 -8.86 16.60 30.04
N SER A 90 -8.76 15.47 30.75
CA SER A 90 -9.88 14.89 31.48
C SER A 90 -9.67 14.92 33.00
N LYS A 91 -10.58 15.62 33.68
CA LYS A 91 -10.60 15.74 35.11
C LYS A 91 -11.58 14.72 35.66
N GLY A 92 -11.08 13.54 35.98
CA GLY A 92 -11.95 12.40 36.31
C GLY A 92 -11.14 11.27 36.89
N TRP A 93 -11.79 10.11 37.05
CA TRP A 93 -11.11 8.94 37.58
C TRP A 93 -10.28 8.27 36.48
N ASN A 94 -10.84 8.22 35.27
CA ASN A 94 -10.12 7.81 34.05
C ASN A 94 -9.41 6.48 34.24
N GLY A 95 -10.17 5.47 34.65
CA GLY A 95 -9.64 4.11 34.87
C GLY A 95 -8.62 3.95 35.99
N GLY A 96 -8.54 4.92 36.91
CA GLY A 96 -7.47 4.96 37.91
C GLY A 96 -6.29 5.86 37.55
N TYR A 97 -6.25 6.41 36.33
CA TYR A 97 -5.27 7.44 35.97
C TYR A 97 -5.40 8.77 36.75
N GLY A 98 -6.58 9.07 37.28
CA GLY A 98 -6.83 10.38 37.89
C GLY A 98 -6.91 11.42 36.80
N ASN A 99 -6.54 12.65 37.13
CA ASN A 99 -6.55 13.75 36.16
C ASN A 99 -5.48 13.44 35.12
N LEU A 100 -5.87 13.55 33.84
CA LEU A 100 -5.15 12.92 32.73
C LEU A 100 -5.10 13.84 31.55
N ILE A 101 -3.89 13.99 31.03
CA ILE A 101 -3.71 14.59 29.76
C ILE A 101 -3.18 13.56 28.79
N LYS A 102 -3.77 13.56 27.60
CA LYS A 102 -3.28 12.83 26.47
C LYS A 102 -2.90 13.85 25.42
N VAL A 103 -1.62 13.87 25.04
CA VAL A 103 -1.17 14.68 23.91
C VAL A 103 -1.01 13.75 22.69
N PHE A 104 -1.64 14.14 21.59
CA PHE A 104 -1.57 13.40 20.31
C PHE A 104 -0.48 14.07 19.49
N HIS A 105 0.55 13.31 19.15
CA HIS A 105 1.66 13.80 18.37
C HIS A 105 1.54 13.33 16.93
N PRO A 106 2.38 13.89 16.02
CA PRO A 106 2.38 13.42 14.61
C PRO A 106 2.72 11.96 14.48
N PHE A 107 2.15 11.32 13.45
CA PHE A 107 2.48 9.95 13.07
C PHE A 107 2.12 8.85 14.04
N GLY A 108 1.04 9.06 14.81
CA GLY A 108 0.43 8.00 15.64
C GLY A 108 1.01 7.86 17.04
N PHE A 109 1.91 8.78 17.41
CA PHE A 109 2.48 8.83 18.76
C PHE A 109 1.59 9.61 19.72
N LYS A 110 1.41 9.09 20.93
CA LYS A 110 0.68 9.80 21.96
C LYS A 110 1.47 9.73 23.23
N THR A 111 1.25 10.73 24.10
CA THR A 111 1.82 10.72 25.44
C THR A 111 0.72 10.97 26.43
N TYR A 112 0.82 10.27 27.57
CA TYR A 112 -0.13 10.34 28.65
C TYR A 112 0.58 10.89 29.92
N TYR A 113 -0.09 11.78 30.63
CA TYR A 113 0.41 12.42 31.84
C TYR A 113 -0.72 12.32 32.85
N ALA A 114 -0.51 11.50 33.87
CA ALA A 114 -1.58 11.07 34.76
C ALA A 114 -1.31 11.38 36.24
N HIS A 115 -2.37 11.23 37.03
CA HIS A 115 -2.39 11.56 38.48
C HIS A 115 -2.19 13.05 38.75
N LEU A 116 -2.52 13.90 37.79
CA LEU A 116 -2.19 15.31 37.92
C LEU A 116 -3.02 15.94 39.01
N ASN A 117 -2.45 16.97 39.61
CA ASN A 117 -3.15 17.81 40.56
C ASN A 117 -3.90 18.92 39.85
N LYS A 118 -3.30 19.45 38.79
CA LYS A 118 -3.90 20.51 38.01
C LYS A 118 -3.56 20.39 36.52
N ILE A 119 -4.51 20.79 35.69
CA ILE A 119 -4.40 20.75 34.24
C ILE A 119 -4.58 22.17 33.74
N VAL A 120 -3.58 22.71 33.05
CA VAL A 120 -3.65 24.11 32.54
C VAL A 120 -3.80 24.24 31.00
N VAL A 121 -4.23 23.18 30.34
CA VAL A 121 -4.52 23.18 28.91
C VAL A 121 -5.92 22.60 28.76
N LYS A 122 -6.58 22.84 27.63
CA LYS A 122 -7.88 22.20 27.38
C LYS A 122 -7.88 21.29 26.14
N THR A 123 -8.91 20.45 26.05
CA THR A 123 -9.12 19.55 24.91
C THR A 123 -9.20 20.37 23.61
N GLY A 124 -8.36 20.02 22.64
CA GLY A 124 -8.20 20.79 21.41
C GLY A 124 -7.14 21.88 21.39
N GLU A 125 -6.44 22.11 22.51
CA GLU A 125 -5.37 23.09 22.54
C GLU A 125 -4.13 22.48 21.87
N PHE A 126 -3.40 23.33 21.14
CA PHE A 126 -2.15 22.97 20.51
C PHE A 126 -1.00 23.38 21.38
N VAL A 127 -0.06 22.45 21.61
CA VAL A 127 1.04 22.68 22.52
C VAL A 127 2.33 22.42 21.79
N LYS A 128 3.38 23.10 22.20
CA LYS A 128 4.68 22.81 21.65
C LYS A 128 5.48 21.99 22.59
N LYS A 129 6.56 21.39 22.07
CA LYS A 129 7.46 20.64 22.90
C LYS A 129 7.97 21.50 24.05
N GLY A 130 7.99 20.94 25.26
CA GLY A 130 8.51 21.61 26.43
C GLY A 130 7.52 22.58 27.07
N GLN A 131 6.31 22.65 26.54
CA GLN A 131 5.34 23.60 27.08
C GLN A 131 4.71 23.00 28.32
N LEU A 132 4.48 23.87 29.30
CA LEU A 132 3.78 23.52 30.54
C LEU A 132 2.36 23.09 30.22
N ILE A 133 2.00 21.86 30.58
CA ILE A 133 0.63 21.36 30.38
C ILE A 133 -0.13 21.06 31.65
N GLY A 134 0.57 20.92 32.76
CA GLY A 134 -0.08 20.68 34.04
C GLY A 134 0.91 20.61 35.17
N TYR A 135 0.41 20.19 36.33
CA TYR A 135 1.15 20.05 37.57
C TYR A 135 0.89 18.68 38.17
N SER A 136 1.93 18.05 38.69
CA SER A 136 1.84 16.68 39.14
C SER A 136 0.97 16.61 40.37
N GLY A 137 0.48 15.42 40.65
CA GLY A 137 -0.37 15.25 41.80
C GLY A 137 -0.32 13.85 42.38
N ASN A 138 -1.45 13.45 42.91
CA ASN A 138 -1.67 12.17 43.53
C ASN A 138 -3.12 11.69 43.31
N THR A 139 -3.79 12.19 42.28
CA THR A 139 -5.20 11.86 42.01
C THR A 139 -5.28 10.46 41.39
N GLY A 140 -6.49 9.90 41.35
CA GLY A 140 -6.68 8.52 40.90
C GLY A 140 -6.10 7.45 41.83
N MET A 141 -5.90 6.25 41.28
CA MET A 141 -5.30 5.11 41.99
C MET A 141 -3.81 5.39 42.17
N SER A 142 -3.44 5.94 43.32
CA SER A 142 -2.08 6.40 43.57
C SER A 142 -1.71 6.18 45.04
N THR A 143 -0.52 5.65 45.29
CA THR A 143 -0.03 5.29 46.65
C THR A 143 0.84 6.39 47.29
N GLY A 144 1.54 7.14 46.46
CA GLY A 144 2.20 8.39 46.86
C GLY A 144 2.31 9.29 45.64
N PRO A 145 2.74 10.54 45.82
CA PRO A 145 2.70 11.49 44.72
C PRO A 145 3.73 11.19 43.63
N HIS A 146 3.27 11.03 42.39
CA HIS A 146 4.15 10.80 41.25
C HIS A 146 3.47 11.17 39.95
N LEU A 147 4.29 11.36 38.92
CA LEU A 147 3.78 11.42 37.55
C LEU A 147 3.73 10.02 36.98
N HIS A 148 2.59 9.60 36.45
CA HIS A 148 2.53 8.41 35.61
C HIS A 148 2.56 8.87 34.15
N TYR A 149 3.60 8.43 33.42
CA TYR A 149 3.86 8.85 32.06
C TYR A 149 3.88 7.67 31.11
N GLU A 150 3.25 7.85 29.94
CA GLU A 150 3.23 6.82 28.91
C GLU A 150 3.50 7.44 27.56
N VAL A 151 4.25 6.70 26.75
CA VAL A 151 4.38 6.94 25.34
C VAL A 151 3.61 5.81 24.66
N ARG A 152 2.71 6.15 23.74
CA ARG A 152 1.96 5.15 22.96
C ARG A 152 2.20 5.35 21.49
N PHE A 153 2.08 4.26 20.73
CA PHE A 153 2.12 4.30 19.28
C PHE A 153 0.99 3.43 18.79
N LEU A 154 0.01 4.05 18.15
CA LEU A 154 -1.25 3.41 17.81
C LEU A 154 -1.80 2.58 18.97
N ASP A 155 -1.77 1.26 18.83
CA ASP A 155 -2.36 0.29 19.76
C ASP A 155 -1.33 -0.75 20.29
N GLN A 156 -0.05 -0.60 19.92
CA GLN A 156 0.97 -1.60 20.23
C GLN A 156 1.72 -1.22 21.49
N PRO A 157 2.22 -2.21 22.28
CA PRO A 157 3.00 -1.91 23.50
C PRO A 157 4.29 -1.15 23.20
N ILE A 158 4.64 -0.18 24.06
CA ILE A 158 5.81 0.69 23.89
C ILE A 158 6.53 0.91 25.23
N ASN A 159 7.84 0.69 25.26
CA ASN A 159 8.69 0.96 26.43
C ASN A 159 8.99 2.48 26.56
N PRO A 160 8.48 3.15 27.62
CA PRO A 160 8.68 4.60 27.72
C PRO A 160 10.13 5.05 27.91
N MET A 161 10.95 4.21 28.53
CA MET A 161 12.40 4.49 28.70
C MET A 161 13.16 4.65 27.40
N SER A 162 12.71 3.96 26.35
CA SER A 162 13.30 4.13 25.02
C SER A 162 13.19 5.57 24.51
N PHE A 163 12.14 6.27 24.94
CA PHE A 163 11.89 7.67 24.56
C PHE A 163 12.38 8.67 25.58
N THR A 164 12.26 8.36 26.87
CA THR A 164 12.79 9.28 27.90
C THR A 164 14.32 9.38 27.89
N LYS A 165 15.00 8.28 27.56
CA LYS A 165 16.46 8.26 27.41
C LYS A 165 16.92 8.81 26.09
N TRP A 166 16.00 8.95 25.13
CA TRP A 166 16.32 9.46 23.81
C TRP A 166 16.48 10.96 23.94
N ASN A 167 17.64 11.45 23.50
CA ASN A 167 18.00 12.84 23.60
C ASN A 167 19.07 13.19 22.56
N MET A 168 19.48 14.46 22.53
CA MET A 168 20.34 14.98 21.45
C MET A 168 21.70 14.28 21.37
N LYS A 169 22.29 13.92 22.51
CA LYS A 169 23.56 13.16 22.53
C LYS A 169 23.36 11.71 22.09
N ASP A 170 22.42 11.03 22.75
CA ASP A 170 22.14 9.61 22.53
C ASP A 170 20.95 9.52 21.61
N PHE A 171 21.18 9.90 20.34
CA PHE A 171 20.12 10.14 19.38
C PHE A 171 19.78 8.89 18.57
N GLU A 172 20.80 8.26 17.99
CA GLU A 172 20.61 7.06 17.15
C GLU A 172 20.05 5.86 17.93
N GLU A 173 20.36 5.82 19.23
CA GLU A 173 19.91 4.76 20.13
C GLU A 173 18.49 4.25 19.94
N VAL A 174 17.52 5.17 19.87
CA VAL A 174 16.08 4.79 19.89
C VAL A 174 15.67 3.90 18.68
N PHE A 175 16.38 4.01 17.57
CA PHE A 175 16.14 3.15 16.40
C PHE A 175 16.51 1.68 16.66
N ASN A 176 17.52 1.47 17.49
CA ASN A 176 17.92 0.12 17.90
C ASN A 176 17.27 -0.37 19.19
N LYS A 177 16.76 0.54 20.03
CA LYS A 177 16.05 0.14 21.25
C LYS A 177 14.56 -0.14 21.05
N GLU A 178 13.91 0.57 20.13
CA GLU A 178 12.50 0.35 19.85
C GLU A 178 12.37 0.00 18.37
N ARG A 179 12.82 -1.22 18.07
CA ARG A 179 12.89 -1.72 16.70
C ARG A 179 11.53 -1.95 16.04
N SER A 180 10.51 -2.24 16.84
CA SER A 180 9.16 -2.53 16.34
C SER A 180 8.48 -1.38 15.55
N ILE A 181 8.93 -0.14 15.74
CA ILE A 181 8.50 0.99 14.90
C ILE A 181 9.24 0.96 13.55
N ARG A 182 8.55 1.23 12.45
CA ARG A 182 9.17 1.21 11.12
C ARG A 182 9.85 2.56 10.86
N TRP A 183 10.96 2.75 11.55
CA TRP A 183 11.69 4.03 11.51
C TRP A 183 12.07 4.51 10.11
N GLN A 184 12.47 3.56 9.25
CA GLN A 184 12.95 3.88 7.90
C GLN A 184 11.90 4.65 7.12
N SER A 185 10.65 4.22 7.20
CA SER A 185 9.53 4.95 6.56
C SER A 185 9.27 6.29 7.25
N LEU A 186 9.29 6.32 8.57
CA LEU A 186 9.06 7.56 9.30
C LEU A 186 10.15 8.61 9.10
N ILE A 187 11.40 8.19 9.06
CA ILE A 187 12.52 9.12 8.83
C ILE A 187 12.42 9.76 7.45
N THR A 188 12.32 8.92 6.44
CA THR A 188 12.14 9.38 5.06
C THR A 188 11.07 10.47 5.01
N ILE A 189 9.88 10.15 5.52
CA ILE A 189 8.73 11.05 5.46
C ILE A 189 9.03 12.36 6.19
N ILE A 190 9.60 12.24 7.38
CA ILE A 190 9.93 13.42 8.17
C ILE A 190 10.98 14.28 7.46
N ASN A 191 11.98 13.66 6.85
CA ASN A 191 13.00 14.41 6.11
C ASN A 191 12.43 15.16 4.92
N ARG A 192 11.48 14.54 4.22
CA ARG A 192 10.73 15.20 3.13
C ARG A 192 9.96 16.46 3.54
N LEU A 193 9.55 16.56 4.80
CA LEU A 193 8.81 17.73 5.28
C LEU A 193 9.54 19.08 5.24
N MET A 194 10.87 19.04 5.22
CA MET A 194 11.66 20.27 5.42
C MET A 194 11.69 21.14 4.17
N GLN A 195 12.29 20.66 3.09
CA GLN A 195 12.35 21.42 1.83
C GLN A 195 12.25 20.49 0.62
N ASP B 3 -1.39 35.97 6.67
CA ASP B 3 -1.45 37.08 7.68
C ASP B 3 -0.04 37.64 7.90
N ASN B 4 0.58 37.32 9.05
CA ASN B 4 2.01 37.49 9.24
C ASN B 4 2.71 36.12 9.16
N LEU B 5 2.06 35.14 8.54
CA LEU B 5 2.57 33.77 8.47
C LEU B 5 3.60 33.66 7.38
N ASN B 6 4.76 33.14 7.73
CA ASN B 6 5.82 32.91 6.73
C ASN B 6 5.52 31.75 5.79
N LEU B 7 6.31 31.67 4.72
CA LEU B 7 6.20 30.60 3.72
C LEU B 7 6.33 29.21 4.33
N ALA B 8 7.31 29.03 5.21
CA ALA B 8 7.61 27.72 5.81
C ALA B 8 6.44 27.18 6.66
N GLN B 9 5.85 28.06 7.47
CA GLN B 9 4.62 27.76 8.22
C GLN B 9 3.52 27.20 7.34
N LYS B 10 3.30 27.87 6.23
CA LYS B 10 2.24 27.50 5.30
C LYS B 10 2.59 26.18 4.65
N HIS B 11 3.85 26.01 4.28
CA HIS B 11 4.27 24.76 3.62
C HIS B 11 4.09 23.54 4.51
N LEU B 12 4.49 23.65 5.78
CA LEU B 12 4.40 22.56 6.74
C LEU B 12 2.96 22.23 7.08
N ALA B 13 2.16 23.25 7.21
CA ALA B 13 0.74 23.10 7.46
C ALA B 13 0.06 22.26 6.38
N LEU B 14 0.46 22.48 5.14
CA LEU B 14 -0.17 21.84 3.99
C LEU B 14 0.38 20.48 3.68
N MET B 15 1.47 20.09 4.34
CA MET B 15 1.92 18.71 4.38
C MET B 15 1.24 17.89 5.51
N LEU B 16 0.93 18.54 6.64
CA LEU B 16 0.45 17.85 7.84
C LEU B 16 -1.05 17.84 8.02
N ILE B 17 -1.72 18.87 7.54
CA ILE B 17 -3.16 19.01 7.75
C ILE B 17 -3.86 18.80 6.44
N PRO B 18 -4.94 18.01 6.44
CA PRO B 18 -5.57 17.67 5.16
C PRO B 18 -5.93 18.90 4.33
N ASN B 19 -5.71 18.81 3.03
CA ASN B 19 -5.99 19.91 2.13
C ASN B 19 -6.00 19.43 0.68
N GLY B 20 -6.72 20.17 -0.15
CA GLY B 20 -6.72 19.91 -1.58
C GLY B 20 -7.67 18.82 -1.98
N MET B 21 -7.48 18.30 -3.19
CA MET B 21 -8.40 17.35 -3.78
C MET B 21 -7.89 15.93 -3.63
N PRO B 22 -8.63 15.05 -2.96
CA PRO B 22 -8.22 13.67 -2.84
C PRO B 22 -8.54 12.82 -4.08
N ILE B 23 -9.22 13.41 -5.04
CA ILE B 23 -9.63 12.78 -6.27
C ILE B 23 -9.61 13.84 -7.37
N LYS B 24 -9.06 13.48 -8.52
CA LYS B 24 -8.73 14.46 -9.55
C LYS B 24 -9.68 14.43 -10.73
N THR B 25 -10.72 13.61 -10.68
CA THR B 25 -11.77 13.61 -11.69
C THR B 25 -13.07 13.41 -10.99
N TYR B 26 -14.01 14.31 -11.24
CA TYR B 26 -15.37 14.17 -10.72
C TYR B 26 -16.32 15.02 -11.56
N SER B 27 -17.58 14.66 -11.55
CA SER B 27 -18.58 15.37 -12.33
C SER B 27 -19.32 16.36 -11.44
N ALA B 28 -19.31 16.13 -10.13
CA ALA B 28 -19.94 17.01 -9.16
C ALA B 28 -19.54 16.67 -7.73
N ILE B 29 -19.76 17.64 -6.83
CA ILE B 29 -19.54 17.49 -5.40
C ILE B 29 -20.83 17.78 -4.68
N LYS B 30 -21.20 16.93 -3.72
CA LYS B 30 -22.44 17.07 -2.97
C LYS B 30 -22.22 16.69 -1.50
N PRO B 31 -22.90 17.38 -0.58
CA PRO B 31 -22.79 16.98 0.80
C PRO B 31 -23.56 15.70 1.06
N THR B 32 -22.99 14.86 1.90
CA THR B 32 -23.58 13.57 2.23
C THR B 32 -24.90 13.71 3.04
N LYS B 33 -25.03 14.84 3.74
CA LYS B 33 -26.26 15.26 4.44
C LYS B 33 -27.52 15.14 3.58
N GLU B 34 -27.40 15.50 2.31
CA GLU B 34 -28.52 15.44 1.36
C GLU B 34 -28.75 14.08 0.71
N ARG B 35 -28.21 13.00 1.29
CA ARG B 35 -28.55 11.65 0.82
C ARG B 35 -28.68 10.74 2.01
N ASN B 36 -29.09 9.51 1.76
CA ASN B 36 -29.19 8.53 2.85
C ASN B 36 -27.79 8.16 3.37
N HIS B 37 -27.52 8.52 4.62
CA HIS B 37 -26.20 8.29 5.22
C HIS B 37 -25.80 6.79 5.17
N PRO B 38 -24.50 6.49 4.91
CA PRO B 38 -24.04 5.09 4.80
C PRO B 38 -24.32 4.15 5.97
N ILE B 39 -23.94 4.57 7.17
CA ILE B 39 -24.24 3.87 8.43
C ILE B 39 -25.66 4.15 8.97
N LYS B 40 -25.98 5.42 9.22
CA LYS B 40 -27.29 5.85 9.73
C LYS B 40 -28.23 6.15 8.57
N LYS B 41 -29.04 5.19 8.13
CA LYS B 41 -29.72 5.31 6.81
C LYS B 41 -30.81 6.42 6.73
N ILE B 42 -30.36 7.68 6.74
CA ILE B 42 -31.21 8.87 6.72
C ILE B 42 -30.50 10.09 6.15
N LYS B 43 -31.30 11.04 5.64
CA LYS B 43 -30.79 12.35 5.27
C LYS B 43 -30.60 13.21 6.50
N GLY B 44 -29.99 14.37 6.32
CA GLY B 44 -29.80 15.34 7.37
C GLY B 44 -28.69 15.10 8.39
N VAL B 45 -27.71 14.26 8.05
CA VAL B 45 -26.51 14.06 8.90
C VAL B 45 -25.31 14.85 8.35
N GLU B 46 -24.77 15.77 9.14
CA GLU B 46 -23.49 16.42 8.79
C GLU B 46 -22.42 15.31 8.69
N SER B 47 -21.92 15.06 7.48
CA SER B 47 -21.13 13.86 7.26
C SER B 47 -20.16 13.89 6.10
N GLY B 48 -19.65 15.07 5.76
CA GLY B 48 -18.68 15.24 4.72
C GLY B 48 -19.36 15.36 3.38
N ILE B 49 -18.67 14.90 2.34
CA ILE B 49 -19.04 15.15 0.97
C ILE B 49 -18.86 13.93 0.09
N ASP B 50 -19.47 14.01 -1.09
CA ASP B 50 -19.39 12.98 -2.08
C ASP B 50 -18.94 13.60 -3.37
N PHE B 51 -17.92 12.99 -3.97
CA PHE B 51 -17.49 13.32 -5.32
C PHE B 51 -18.12 12.33 -6.28
N ILE B 52 -18.87 12.79 -7.25
CA ILE B 52 -19.50 11.89 -8.21
C ILE B 52 -18.47 11.61 -9.26
N ALA B 53 -17.96 10.39 -9.25
CA ALA B 53 -16.76 10.06 -10.02
C ALA B 53 -16.92 8.70 -10.63
N PRO B 54 -16.32 8.48 -11.81
CA PRO B 54 -16.29 7.15 -12.38
C PRO B 54 -15.58 6.10 -11.50
N LEU B 55 -16.00 4.86 -11.69
CA LEU B 55 -15.40 3.69 -11.06
C LEU B 55 -13.92 3.66 -11.40
N ASN B 56 -13.12 3.32 -10.40
CA ASN B 56 -11.67 3.22 -10.48
C ASN B 56 -10.98 4.55 -10.86
N THR B 57 -11.43 5.65 -10.27
CA THR B 57 -10.67 6.92 -10.28
C THR B 57 -9.73 6.91 -9.09
N PRO B 58 -8.43 7.17 -9.31
CA PRO B 58 -7.48 7.15 -8.21
C PRO B 58 -7.81 8.13 -7.07
N VAL B 59 -7.58 7.68 -5.84
CA VAL B 59 -7.77 8.45 -4.62
C VAL B 59 -6.43 8.67 -3.92
N TYR B 60 -6.19 9.91 -3.49
CA TYR B 60 -4.92 10.34 -2.90
C TYR B 60 -5.08 10.91 -1.49
N ALA B 61 -4.06 10.66 -0.70
CA ALA B 61 -4.03 11.09 0.69
C ALA B 61 -3.90 12.59 0.74
N SER B 62 -4.73 13.22 1.56
CA SER B 62 -4.81 14.67 1.59
C SER B 62 -3.75 15.32 2.50
N ALA B 63 -3.01 14.50 3.23
CA ALA B 63 -1.87 14.96 4.04
C ALA B 63 -1.07 13.75 4.53
N ASP B 64 0.12 14.00 5.04
CA ASP B 64 0.91 12.95 5.67
C ASP B 64 0.21 12.38 6.88
N GLY B 65 0.58 11.15 7.25
CA GLY B 65 0.12 10.60 8.51
C GLY B 65 0.28 9.10 8.58
N ILE B 66 -0.72 8.46 9.15
CA ILE B 66 -0.69 7.02 9.35
C ILE B 66 -2.09 6.48 9.16
N VAL B 67 -2.16 5.32 8.49
CA VAL B 67 -3.40 4.60 8.27
C VAL B 67 -3.77 3.91 9.57
N ASP B 68 -4.89 4.32 10.17
CA ASP B 68 -5.35 3.67 11.40
C ASP B 68 -6.50 2.68 11.19
N PHE B 69 -7.09 2.64 10.01
CA PHE B 69 -8.24 1.78 9.77
C PHE B 69 -8.48 1.58 8.28
N VAL B 70 -8.77 0.34 7.92
CA VAL B 70 -9.05 -0.05 6.55
C VAL B 70 -10.16 -1.11 6.59
N LYS B 71 -11.00 -1.10 5.55
CA LYS B 71 -11.87 -2.21 5.25
C LYS B 71 -11.78 -2.49 3.77
N THR B 72 -11.65 -3.78 3.46
CA THR B 72 -11.63 -4.31 2.09
C THR B 72 -12.67 -5.41 1.96
N ASN B 73 -13.16 -5.57 0.74
CA ASN B 73 -14.17 -6.60 0.43
C ASN B 73 -15.44 -6.47 1.27
N SER B 74 -15.82 -5.24 1.58
CA SER B 74 -17.05 -4.94 2.30
C SER B 74 -18.05 -4.34 1.32
N ASN B 75 -19.30 -4.78 1.37
CA ASN B 75 -20.36 -4.19 0.56
C ASN B 75 -21.51 -3.68 1.40
N VAL B 76 -21.21 -3.32 2.65
CA VAL B 76 -22.18 -2.78 3.58
C VAL B 76 -21.64 -1.46 4.13
N GLY B 77 -22.55 -0.50 4.32
CA GLY B 77 -22.26 0.75 5.02
C GLY B 77 -21.42 1.70 4.22
N TYR B 78 -20.26 2.05 4.78
CA TYR B 78 -19.21 2.78 4.07
C TYR B 78 -18.58 1.99 2.95
N GLY B 79 -18.65 0.65 3.02
CA GLY B 79 -17.98 -0.20 2.06
C GLY B 79 -16.49 -0.18 2.30
N ASN B 80 -15.72 -0.21 1.23
CA ASN B 80 -14.28 -0.20 1.37
C ASN B 80 -13.82 1.19 1.75
N LEU B 81 -12.92 1.27 2.73
CA LEU B 81 -12.50 2.54 3.19
C LEU B 81 -11.06 2.58 3.66
N VAL B 82 -10.53 3.80 3.69
CA VAL B 82 -9.27 4.12 4.34
C VAL B 82 -9.56 5.31 5.25
N ARG B 83 -9.09 5.22 6.49
CA ARG B 83 -9.05 6.32 7.42
C ARG B 83 -7.59 6.62 7.80
N ILE B 84 -7.19 7.87 7.58
CA ILE B 84 -5.86 8.32 7.90
C ILE B 84 -5.92 9.25 9.12
N GLU B 85 -5.05 8.96 10.08
CA GLU B 85 -4.84 9.84 11.21
C GLU B 85 -3.71 10.82 10.81
N HIS B 86 -3.99 12.10 10.89
CA HIS B 86 -3.01 13.14 10.62
C HIS B 86 -2.52 13.78 11.90
N ALA B 87 -1.58 14.69 11.76
CA ALA B 87 -1.08 15.47 12.90
C ALA B 87 -2.13 16.41 13.41
N PHE B 88 -1.91 16.86 14.65
CA PHE B 88 -2.72 17.93 15.31
C PHE B 88 -4.22 17.63 15.45
N GLY B 89 -4.58 16.36 15.49
CA GLY B 89 -5.94 15.93 15.73
C GLY B 89 -6.77 15.66 14.50
N PHE B 90 -6.24 15.95 13.30
CA PHE B 90 -7.02 15.82 12.08
C PHE B 90 -7.01 14.38 11.60
N SER B 91 -8.12 13.94 11.04
CA SER B 91 -8.19 12.67 10.34
C SER B 91 -8.94 12.87 9.01
N SER B 92 -8.68 12.01 8.04
CA SER B 92 -9.45 12.00 6.79
C SER B 92 -9.92 10.59 6.53
N ILE B 93 -11.14 10.47 5.99
CA ILE B 93 -11.68 9.18 5.63
C ILE B 93 -12.15 9.16 4.14
N TYR B 94 -11.94 8.03 3.49
CA TYR B 94 -12.17 7.82 2.07
C TYR B 94 -12.97 6.53 1.99
N THR B 95 -14.12 6.56 1.32
CA THR B 95 -15.17 5.54 1.46
C THR B 95 -15.81 5.21 0.10
N HIS B 96 -16.43 4.02 0.06
CA HIS B 96 -17.10 3.47 -1.12
C HIS B 96 -16.14 3.05 -2.19
N LEU B 97 -14.91 2.80 -1.79
CA LEU B 97 -13.84 2.53 -2.72
C LEU B 97 -14.05 1.18 -3.40
N ASP B 98 -13.49 1.05 -4.60
CA ASP B 98 -13.44 -0.22 -5.28
C ASP B 98 -12.22 -1.04 -4.88
N HIS B 99 -11.07 -0.37 -4.73
CA HIS B 99 -9.81 -1.00 -4.41
C HIS B 99 -9.11 -0.16 -3.37
N VAL B 100 -8.44 -0.84 -2.45
CA VAL B 100 -7.62 -0.19 -1.43
C VAL B 100 -6.17 -0.61 -1.64
N ASN B 101 -5.27 0.37 -1.60
CA ASN B 101 -3.86 0.16 -1.88
C ASN B 101 -2.97 0.16 -0.67
N VAL B 102 -3.49 0.58 0.49
CA VAL B 102 -2.69 0.67 1.69
C VAL B 102 -3.18 -0.30 2.77
N GLN B 103 -2.34 -0.51 3.77
CA GLN B 103 -2.61 -1.43 4.88
C GLN B 103 -2.72 -0.66 6.18
N PRO B 104 -3.51 -1.19 7.16
CA PRO B 104 -3.55 -0.53 8.45
C PRO B 104 -2.16 -0.41 9.08
N LYS B 105 -1.91 0.70 9.75
CA LYS B 105 -0.65 1.01 10.49
C LYS B 105 0.54 1.48 9.65
N SER B 106 0.37 1.60 8.34
CA SER B 106 1.44 2.11 7.46
C SER B 106 1.47 3.61 7.53
N PHE B 107 2.67 4.17 7.41
CA PHE B 107 2.85 5.58 7.26
C PHE B 107 2.41 6.04 5.86
N ILE B 108 1.97 7.28 5.73
CA ILE B 108 1.40 7.82 4.50
C ILE B 108 2.00 9.17 4.25
N GLN B 109 2.31 9.46 3.00
CA GLN B 109 2.69 10.80 2.55
C GLN B 109 1.56 11.46 1.81
N LYS B 110 1.47 12.78 1.95
CA LYS B 110 0.57 13.57 1.14
C LYS B 110 0.76 13.24 -0.34
N GLY B 111 -0.35 13.12 -1.07
CA GLY B 111 -0.30 12.80 -2.50
C GLY B 111 -0.18 11.31 -2.85
N GLN B 112 0.02 10.46 -1.87
CA GLN B 112 0.16 9.02 -2.09
C GLN B 112 -1.18 8.40 -2.49
N LEU B 113 -1.09 7.46 -3.42
CA LEU B 113 -2.22 6.69 -3.87
C LEU B 113 -2.67 5.77 -2.75
N ILE B 114 -3.90 5.91 -2.29
CA ILE B 114 -4.41 5.06 -1.22
C ILE B 114 -5.49 4.09 -1.68
N GLY B 115 -6.03 4.29 -2.88
CA GLY B 115 -7.19 3.53 -3.31
C GLY B 115 -7.75 4.05 -4.62
N TYR B 116 -8.85 3.44 -5.02
CA TYR B 116 -9.54 3.77 -6.26
C TYR B 116 -11.00 3.80 -5.91
N SER B 117 -11.69 4.79 -6.43
CA SER B 117 -13.07 5.01 -6.10
C SER B 117 -13.95 3.91 -6.65
N GLY B 118 -15.06 3.68 -5.99
CA GLY B 118 -16.04 2.78 -6.52
C GLY B 118 -17.45 3.12 -6.13
N LYS B 119 -18.17 2.09 -5.71
CA LYS B 119 -19.54 2.23 -5.26
C LYS B 119 -19.87 1.19 -4.17
N SER B 120 -18.84 0.68 -3.49
CA SER B 120 -19.02 -0.34 -2.46
C SER B 120 -19.83 0.22 -1.28
N GLY B 121 -20.64 -0.64 -0.66
CA GLY B 121 -21.43 -0.25 0.52
C GLY B 121 -22.69 0.54 0.15
N ASN B 122 -23.23 1.28 1.11
CA ASN B 122 -24.47 2.04 0.91
C ASN B 122 -24.07 3.37 0.32
N SER B 123 -23.83 3.33 -0.99
CA SER B 123 -23.19 4.43 -1.71
C SER B 123 -24.14 5.28 -2.55
N GLY B 124 -25.31 4.72 -2.86
CA GLY B 124 -26.20 5.33 -3.84
C GLY B 124 -25.61 5.41 -5.24
N GLY B 125 -24.59 4.60 -5.53
CA GLY B 125 -23.90 4.65 -6.82
C GLY B 125 -22.43 4.95 -6.73
N GLU B 126 -21.85 5.28 -7.89
CA GLU B 126 -20.41 5.52 -8.05
C GLU B 126 -19.95 6.88 -7.52
N LYS B 127 -19.17 6.87 -6.44
CA LYS B 127 -18.67 8.10 -5.82
C LYS B 127 -17.57 7.84 -4.80
N LEU B 128 -16.80 8.88 -4.50
CA LEU B 128 -15.93 8.91 -3.33
C LEU B 128 -16.61 9.69 -2.24
N HIS B 129 -16.71 9.08 -1.06
CA HIS B 129 -17.18 9.77 0.13
C HIS B 129 -15.96 10.15 0.93
N TYR B 130 -15.93 11.41 1.36
CA TYR B 130 -14.81 12.02 2.02
C TYR B 130 -15.24 12.84 3.22
N GLU B 131 -14.54 12.65 4.34
CA GLU B 131 -14.72 13.45 5.55
C GLU B 131 -13.38 13.88 6.07
N VAL B 132 -13.34 15.12 6.56
CA VAL B 132 -12.25 15.65 7.38
C VAL B 132 -12.79 15.83 8.80
N ARG B 133 -11.99 15.45 9.80
CA ARG B 133 -12.44 15.49 11.18
C ARG B 133 -11.37 16.04 12.07
N PHE B 134 -11.78 16.65 13.17
CA PHE B 134 -10.85 17.20 14.16
C PHE B 134 -11.28 16.61 15.48
N LEU B 135 -10.42 15.75 16.04
CA LEU B 135 -10.68 15.04 17.27
C LEU B 135 -11.99 14.30 17.21
N GLY B 136 -12.28 13.69 16.06
CA GLY B 136 -13.53 12.96 15.86
C GLY B 136 -14.73 13.80 15.42
N LYS B 137 -14.61 15.13 15.42
CA LYS B 137 -15.73 16.00 15.08
C LYS B 137 -15.74 16.39 13.60
N ILE B 138 -16.92 16.29 12.99
CA ILE B 138 -17.12 16.53 11.55
C ILE B 138 -16.91 18.00 11.17
N LEU B 139 -16.06 18.25 10.17
CA LEU B 139 -15.80 19.61 9.66
C LEU B 139 -16.37 19.80 8.29
N ASP B 140 -16.39 21.06 7.84
CA ASP B 140 -16.82 21.39 6.49
C ASP B 140 -15.67 21.05 5.57
N ALA B 141 -15.80 19.90 4.90
CA ALA B 141 -14.75 19.41 3.99
C ALA B 141 -14.40 20.37 2.87
N GLN B 142 -15.37 21.13 2.36
CA GLN B 142 -15.11 22.09 1.25
C GLN B 142 -14.05 23.13 1.57
N LYS B 143 -14.04 23.62 2.80
CA LYS B 143 -13.00 24.57 3.23
C LYS B 143 -11.58 23.98 3.16
N PHE B 144 -11.44 22.68 3.38
CA PHE B 144 -10.14 22.03 3.24
C PHE B 144 -9.74 21.73 1.78
N LEU B 145 -10.71 21.33 0.96
CA LEU B 145 -10.53 21.23 -0.52
C LEU B 145 -9.91 22.47 -1.14
N ALA B 146 -10.53 23.60 -0.85
CA ALA B 146 -10.15 24.88 -1.45
C ALA B 146 -8.93 25.56 -0.81
N TRP B 147 -8.33 24.91 0.18
CA TRP B 147 -7.18 25.47 0.89
C TRP B 147 -5.90 25.06 0.17
N ASP B 148 -5.12 26.04 -0.25
CA ASP B 148 -3.79 25.77 -0.77
C ASP B 148 -2.89 27.00 -0.53
N LEU B 149 -1.66 26.93 -1.02
CA LEU B 149 -0.67 27.99 -0.78
C LEU B 149 -1.18 29.38 -1.13
N ASP B 150 -1.88 29.47 -2.26
CA ASP B 150 -2.39 30.74 -2.79
C ASP B 150 -3.73 31.18 -2.19
N HIS B 151 -4.44 30.27 -1.52
CA HIS B 151 -5.75 30.56 -0.91
C HIS B 151 -5.72 29.94 0.47
N PHE B 152 -5.03 30.63 1.37
CA PHE B 152 -4.66 30.05 2.67
C PHE B 152 -5.69 30.27 3.77
N GLN B 153 -6.60 31.22 3.57
CA GLN B 153 -7.59 31.57 4.61
C GLN B 153 -8.73 30.58 4.70
N SER B 154 -8.92 29.79 3.64
CA SER B 154 -10.07 28.93 3.46
C SER B 154 -10.30 28.00 4.66
N ALA B 155 -9.28 27.24 5.04
CA ALA B 155 -9.39 26.32 6.20
C ALA B 155 -9.55 27.07 7.57
N LEU B 156 -8.95 28.25 7.69
CA LEU B 156 -9.02 29.05 8.91
C LEU B 156 -10.43 29.57 9.22
N GLU B 157 -11.30 29.62 8.20
CA GLU B 157 -12.72 29.92 8.39
C GLU B 157 -13.51 28.87 9.16
N GLU B 158 -13.05 27.61 9.15
CA GLU B 158 -13.62 26.58 10.02
C GLU B 158 -12.91 26.71 11.38
N ASN B 159 -13.46 27.55 12.25
CA ASN B 159 -12.82 27.92 13.51
C ASN B 159 -13.68 27.67 14.75
N LYS B 160 -14.79 26.93 14.59
CA LYS B 160 -15.66 26.63 15.70
C LYS B 160 -15.00 25.71 16.73
N PHE B 161 -14.29 24.68 16.27
CA PHE B 161 -13.56 23.77 17.16
C PHE B 161 -12.06 24.05 17.19
N ILE B 162 -11.54 24.77 16.21
CA ILE B 162 -10.08 24.83 16.01
C ILE B 162 -9.59 26.24 16.20
N GLU B 163 -8.54 26.35 16.99
CA GLU B 163 -7.92 27.62 17.32
C GLU B 163 -6.64 27.77 16.49
N TRP B 164 -6.88 28.27 15.29
CA TRP B 164 -5.87 28.37 14.26
C TRP B 164 -4.64 29.18 14.61
N LYS B 165 -4.83 30.29 15.32
CA LYS B 165 -3.70 31.12 15.74
C LYS B 165 -2.77 30.31 16.67
N ASN B 166 -3.36 29.62 17.62
CA ASN B 166 -2.62 28.72 18.50
C ASN B 166 -1.85 27.61 17.74
N LEU B 167 -2.48 27.00 16.75
CA LEU B 167 -1.79 26.03 15.93
C LEU B 167 -0.56 26.59 15.22
N PHE B 168 -0.72 27.75 14.57
CA PHE B 168 0.42 28.34 13.85
C PHE B 168 1.54 28.81 14.76
N TRP B 169 1.16 29.22 15.97
CA TRP B 169 2.14 29.44 17.02
C TRP B 169 2.95 28.15 17.29
N VAL B 170 2.29 27.00 17.39
CA VAL B 170 3.05 25.74 17.52
C VAL B 170 3.93 25.51 16.29
N LEU B 171 3.37 25.70 15.10
CA LEU B 171 4.18 25.49 13.87
C LEU B 171 5.36 26.47 13.72
N GLU B 172 5.19 27.70 14.18
CA GLU B 172 6.27 28.68 14.11
C GLU B 172 7.48 28.15 14.87
N ASP B 173 7.23 27.62 16.06
CA ASP B 173 8.31 27.05 16.85
C ASP B 173 9.06 25.97 16.07
N ILE B 174 8.33 25.11 15.35
CA ILE B 174 8.93 24.03 14.55
C ILE B 174 9.72 24.52 13.35
N VAL B 175 9.16 25.44 12.57
CA VAL B 175 9.83 25.96 11.36
C VAL B 175 11.01 26.86 11.69
N GLN B 176 10.92 27.56 12.83
CA GLN B 176 11.98 28.45 13.35
C GLN B 176 13.38 27.83 13.34
N LEU B 177 13.47 26.51 13.46
CA LEU B 177 14.74 25.78 13.50
C LEU B 177 15.69 25.99 12.29
N GLN B 178 15.13 26.31 11.11
CA GLN B 178 15.94 26.65 9.92
C GLN B 178 15.37 27.85 9.18
N THR C 24 0.96 8.44 -29.35
CA THR C 24 2.31 7.85 -29.57
C THR C 24 2.20 6.41 -30.13
N GLY C 25 2.41 6.26 -31.44
CA GLY C 25 2.24 4.99 -32.16
C GLY C 25 3.10 3.82 -31.71
N LEU C 26 4.33 4.10 -31.28
CA LEU C 26 5.21 3.11 -30.63
C LEU C 26 4.57 2.66 -29.33
N GLN C 27 4.38 3.65 -28.47
CA GLN C 27 3.84 3.48 -27.12
C GLN C 27 2.56 2.68 -27.05
N LYS C 28 1.65 2.90 -28.00
CA LYS C 28 0.41 2.15 -28.06
C LYS C 28 0.68 0.71 -28.48
N SER C 29 1.57 0.54 -29.45
CA SER C 29 1.93 -0.79 -29.95
C SER C 29 2.54 -1.62 -28.83
N PHE C 30 3.35 -0.98 -27.99
CA PHE C 30 4.03 -1.57 -26.86
C PHE C 30 2.99 -2.10 -25.87
N ILE C 31 2.07 -1.23 -25.48
CA ILE C 31 0.92 -1.60 -24.63
C ILE C 31 0.12 -2.74 -25.23
N MET C 32 -0.06 -2.71 -26.54
CA MET C 32 -0.83 -3.76 -27.17
C MET C 32 -0.10 -5.10 -27.36
N ARG C 33 1.21 -5.13 -27.18
CA ARG C 33 1.92 -6.41 -27.02
C ARG C 33 1.65 -7.07 -25.67
N LEU C 34 1.39 -6.30 -24.62
CA LEU C 34 1.34 -6.84 -23.26
C LEU C 34 -0.05 -7.15 -22.75
N ILE C 35 -1.06 -6.44 -23.26
CA ILE C 35 -2.41 -6.50 -22.77
C ILE C 35 -3.31 -6.94 -23.90
N PRO C 36 -4.19 -7.93 -23.64
CA PRO C 36 -5.04 -8.44 -24.71
C PRO C 36 -5.86 -7.35 -25.42
N ASN C 37 -5.86 -7.42 -26.73
CA ASN C 37 -6.63 -6.52 -27.56
C ASN C 37 -6.88 -7.19 -28.90
N ASP C 38 -7.84 -6.65 -29.66
CA ASP C 38 -8.23 -7.11 -31.00
C ASP C 38 -8.88 -8.48 -30.98
N TYR C 39 -9.42 -8.85 -32.14
CA TYR C 39 -10.03 -10.18 -32.35
C TYR C 39 -8.96 -11.24 -32.62
N PRO C 40 -9.03 -12.39 -31.93
CA PRO C 40 -8.05 -13.48 -32.15
C PRO C 40 -8.29 -14.32 -33.43
N LEU C 41 -9.10 -13.81 -34.35
CA LEU C 41 -9.38 -14.45 -35.63
C LEU C 41 -9.30 -13.38 -36.72
N GLU C 42 -8.69 -13.69 -37.87
CA GLU C 42 -8.65 -12.74 -39.03
C GLU C 42 -10.06 -12.22 -39.32
N SER C 43 -11.00 -13.14 -39.43
CA SER C 43 -12.42 -12.81 -39.54
C SER C 43 -13.31 -14.04 -39.26
N TYR C 44 -14.61 -13.77 -39.10
CA TYR C 44 -15.58 -14.71 -38.50
C TYR C 44 -17.01 -14.19 -38.78
N ARG C 45 -18.05 -15.02 -38.61
CA ARG C 45 -19.44 -14.62 -38.94
C ARG C 45 -20.05 -13.49 -38.09
N ARG C 46 -20.20 -13.76 -36.79
CA ARG C 46 -20.96 -12.88 -35.89
C ARG C 46 -20.61 -13.14 -34.42
N VAL C 47 -20.88 -12.15 -33.57
CA VAL C 47 -20.78 -12.34 -32.12
C VAL C 47 -22.03 -13.13 -31.69
N SER C 48 -21.90 -14.45 -31.66
CA SER C 48 -23.04 -15.35 -31.35
C SER C 48 -23.48 -15.35 -29.87
N ALA C 49 -22.61 -14.88 -28.98
CA ALA C 49 -22.98 -14.69 -27.57
C ALA C 49 -22.01 -13.72 -26.89
N ALA C 50 -22.56 -12.86 -26.01
CA ALA C 50 -21.78 -11.88 -25.24
C ALA C 50 -22.02 -12.05 -23.75
N HIS C 65 -22.98 -16.61 -18.94
CA HIS C 65 -21.86 -16.64 -19.87
C HIS C 65 -20.69 -15.78 -19.36
N THR C 66 -19.53 -16.42 -19.14
CA THR C 66 -18.34 -15.70 -18.64
C THR C 66 -17.36 -15.36 -19.78
N GLY C 67 -17.87 -15.20 -21.01
CA GLY C 67 -17.03 -15.12 -22.21
C GLY C 67 -17.74 -14.63 -23.45
N LEU C 68 -17.10 -14.83 -24.60
CA LEU C 68 -17.56 -14.30 -25.88
C LEU C 68 -17.46 -15.41 -26.92
N ASP C 69 -18.57 -15.73 -27.57
CA ASP C 69 -18.64 -16.79 -28.59
C ASP C 69 -18.62 -16.18 -29.99
N LEU C 70 -17.54 -16.46 -30.73
CA LEU C 70 -17.34 -15.88 -32.05
C LEU C 70 -17.59 -16.94 -33.11
N SER C 71 -18.71 -16.83 -33.81
CA SER C 71 -19.09 -17.84 -34.81
C SER C 71 -18.10 -17.79 -35.96
N THR C 72 -17.53 -18.94 -36.30
CA THR C 72 -16.54 -19.01 -37.37
C THR C 72 -16.42 -20.43 -37.87
N ALA C 73 -15.97 -20.57 -39.11
CA ALA C 73 -15.84 -21.86 -39.75
C ALA C 73 -14.81 -22.71 -39.04
N ILE C 74 -14.98 -24.02 -39.14
CA ILE C 74 -14.10 -24.99 -38.53
C ILE C 74 -12.68 -24.77 -39.05
N ASN C 75 -11.71 -24.91 -38.14
CA ASN C 75 -10.28 -24.71 -38.41
C ASN C 75 -9.87 -23.34 -38.90
N THR C 76 -10.60 -22.31 -38.45
CA THR C 76 -10.16 -20.95 -38.63
C THR C 76 -8.97 -20.74 -37.69
N PRO C 77 -7.82 -20.26 -38.21
CA PRO C 77 -6.64 -20.00 -37.35
C PRO C 77 -6.93 -19.05 -36.18
N VAL C 78 -6.35 -19.36 -35.03
CA VAL C 78 -6.50 -18.57 -33.79
C VAL C 78 -5.15 -17.96 -33.35
N TYR C 79 -5.18 -16.65 -33.16
CA TYR C 79 -3.98 -15.88 -32.84
C TYR C 79 -4.03 -15.33 -31.42
N ALA C 80 -2.88 -15.37 -30.76
CA ALA C 80 -2.73 -14.83 -29.43
C ALA C 80 -3.01 -13.31 -29.45
N SER C 81 -3.94 -12.85 -28.60
CA SER C 81 -4.28 -11.44 -28.52
C SER C 81 -3.30 -10.57 -27.74
N ALA C 82 -2.33 -11.20 -27.05
CA ALA C 82 -1.17 -10.51 -26.53
C ALA C 82 -0.09 -11.52 -26.20
N SER C 83 1.10 -11.03 -25.93
CA SER C 83 2.23 -11.86 -25.54
C SER C 83 2.08 -12.47 -24.17
N GLY C 84 2.80 -13.55 -23.91
CA GLY C 84 2.73 -14.24 -22.65
C GLY C 84 3.34 -15.63 -22.62
N VAL C 85 2.84 -16.45 -21.72
CA VAL C 85 3.20 -17.85 -21.66
C VAL C 85 1.90 -18.64 -21.64
N VAL C 86 1.96 -19.82 -22.27
CA VAL C 86 0.83 -20.73 -22.32
C VAL C 86 0.80 -21.43 -20.97
N GLY C 87 -0.20 -21.09 -20.15
CA GLY C 87 -0.39 -21.67 -18.83
C GLY C 87 -1.05 -23.02 -18.88
N LEU C 88 -1.83 -23.27 -19.94
CA LEU C 88 -2.42 -24.56 -20.19
C LEU C 88 -2.70 -24.71 -21.68
N ALA C 89 -2.24 -25.81 -22.25
CA ALA C 89 -2.67 -26.29 -23.56
C ALA C 89 -3.18 -27.71 -23.36
N SER C 90 -4.51 -27.88 -23.37
CA SER C 90 -5.15 -29.15 -23.00
C SER C 90 -6.17 -29.66 -24.03
N LYS C 91 -5.89 -30.85 -24.60
CA LYS C 91 -6.87 -31.61 -25.40
C LYS C 91 -7.81 -32.37 -24.47
N GLY C 92 -9.12 -32.20 -24.67
CA GLY C 92 -10.12 -32.96 -23.92
C GLY C 92 -11.45 -32.26 -23.78
N TRP C 93 -12.32 -32.84 -22.97
CA TRP C 93 -13.60 -32.23 -22.61
C TRP C 93 -13.44 -30.92 -21.78
N ASN C 94 -12.40 -30.89 -20.94
CA ASN C 94 -12.11 -29.74 -20.06
C ASN C 94 -13.35 -29.07 -19.43
N GLY C 95 -14.25 -29.88 -18.90
CA GLY C 95 -15.45 -29.36 -18.23
C GLY C 95 -16.43 -28.62 -19.13
N GLY C 96 -16.41 -28.92 -20.43
CA GLY C 96 -17.29 -28.25 -21.38
C GLY C 96 -16.61 -27.23 -22.27
N TYR C 97 -15.36 -26.88 -21.95
CA TYR C 97 -14.58 -25.99 -22.80
C TYR C 97 -14.21 -26.66 -24.12
N GLY C 98 -14.09 -27.98 -24.11
CA GLY C 98 -13.43 -28.67 -25.21
C GLY C 98 -11.94 -28.38 -25.17
N ASN C 99 -11.28 -28.50 -26.30
CA ASN C 99 -9.86 -28.23 -26.42
C ASN C 99 -9.57 -26.78 -26.09
N LEU C 100 -8.59 -26.57 -25.22
CA LEU C 100 -8.45 -25.33 -24.51
C LEU C 100 -7.00 -24.86 -24.41
N ILE C 101 -6.79 -23.57 -24.70
CA ILE C 101 -5.52 -22.88 -24.44
C ILE C 101 -5.77 -21.70 -23.49
N LYS C 102 -4.93 -21.59 -22.47
CA LYS C 102 -4.85 -20.40 -21.61
C LYS C 102 -3.52 -19.69 -21.81
N VAL C 103 -3.54 -18.40 -22.16
CA VAL C 103 -2.32 -17.60 -22.24
C VAL C 103 -2.32 -16.61 -21.07
N PHE C 104 -1.27 -16.63 -20.25
CA PHE C 104 -1.14 -15.70 -19.14
C PHE C 104 -0.30 -14.53 -19.64
N HIS C 105 -0.83 -13.32 -19.49
CA HIS C 105 -0.20 -12.10 -19.98
C HIS C 105 0.40 -11.37 -18.79
N PRO C 106 1.21 -10.32 -19.05
CA PRO C 106 1.67 -9.44 -17.98
C PRO C 106 0.51 -8.81 -17.22
N PHE C 107 0.76 -8.50 -15.95
CA PHE C 107 -0.09 -7.66 -15.11
C PHE C 107 -1.51 -8.23 -14.90
N GLY C 108 -1.57 -9.54 -14.66
CA GLY C 108 -2.78 -10.19 -14.20
C GLY C 108 -3.78 -10.66 -15.23
N PHE C 109 -3.53 -10.32 -16.48
CA PHE C 109 -4.45 -10.64 -17.56
C PHE C 109 -4.18 -12.05 -18.08
N LYS C 110 -5.25 -12.71 -18.50
CA LYS C 110 -5.20 -14.02 -19.11
C LYS C 110 -6.20 -14.09 -20.25
N THR C 111 -5.89 -14.89 -21.27
CA THR C 111 -6.90 -15.23 -22.27
C THR C 111 -7.15 -16.74 -22.37
N TYR C 112 -8.42 -17.10 -22.55
CA TYR C 112 -8.86 -18.47 -22.83
C TYR C 112 -9.35 -18.53 -24.28
N TYR C 113 -8.93 -19.59 -24.98
CA TYR C 113 -9.35 -19.89 -26.36
C TYR C 113 -9.90 -21.31 -26.30
N ALA C 114 -11.21 -21.47 -26.51
CA ALA C 114 -11.90 -22.75 -26.25
C ALA C 114 -12.71 -23.28 -27.46
N HIS C 115 -13.16 -24.53 -27.32
CA HIS C 115 -13.87 -25.30 -28.35
C HIS C 115 -13.02 -25.54 -29.57
N LEU C 116 -11.71 -25.58 -29.37
CA LEU C 116 -10.78 -25.60 -30.48
C LEU C 116 -10.80 -26.96 -31.16
N ASN C 117 -10.35 -27.00 -32.40
CA ASN C 117 -9.88 -28.23 -32.99
C ASN C 117 -8.40 -28.41 -32.58
N LYS C 118 -7.44 -28.14 -33.44
CA LYS C 118 -6.04 -28.39 -33.09
C LYS C 118 -5.36 -27.26 -32.33
N ILE C 119 -4.46 -27.65 -31.43
CA ILE C 119 -3.59 -26.80 -30.64
C ILE C 119 -2.14 -26.99 -31.12
N VAL C 120 -1.49 -25.89 -31.48
CA VAL C 120 -0.10 -25.90 -31.97
C VAL C 120 0.94 -25.35 -30.99
N VAL C 121 0.53 -25.07 -29.75
CA VAL C 121 1.43 -24.67 -28.65
C VAL C 121 1.26 -25.61 -27.45
N LYS C 122 2.28 -25.61 -26.57
CA LYS C 122 2.27 -26.43 -25.34
C LYS C 122 2.44 -25.62 -24.05
N THR C 123 2.06 -26.24 -22.93
CA THR C 123 2.16 -25.61 -21.61
C THR C 123 3.63 -25.27 -21.34
N GLY C 124 3.89 -24.04 -20.93
CA GLY C 124 5.27 -23.56 -20.69
C GLY C 124 5.87 -22.80 -21.86
N GLU C 125 5.20 -22.82 -23.01
CA GLU C 125 5.67 -22.12 -24.18
C GLU C 125 5.37 -20.63 -24.07
N PHE C 126 6.34 -19.82 -24.40
CA PHE C 126 6.15 -18.38 -24.56
C PHE C 126 5.65 -18.02 -25.95
N VAL C 127 4.65 -17.15 -26.00
CA VAL C 127 4.01 -16.77 -27.23
C VAL C 127 3.92 -15.26 -27.37
N LYS C 128 3.97 -14.80 -28.61
CA LYS C 128 3.88 -13.37 -28.90
C LYS C 128 2.52 -12.98 -29.40
N LYS C 129 2.21 -11.70 -29.32
CA LYS C 129 0.96 -11.19 -29.92
C LYS C 129 0.97 -11.54 -31.39
N GLY C 130 -0.15 -12.07 -31.86
CA GLY C 130 -0.37 -12.38 -33.27
C GLY C 130 0.18 -13.72 -33.72
N GLN C 131 0.75 -14.49 -32.79
CA GLN C 131 1.22 -15.83 -33.08
C GLN C 131 0.05 -16.80 -33.14
N LEU C 132 0.13 -17.70 -34.10
CA LEU C 132 -0.82 -18.79 -34.23
C LEU C 132 -0.67 -19.71 -33.03
N ILE C 133 -1.80 -20.00 -32.39
CA ILE C 133 -1.80 -20.91 -31.24
C ILE C 133 -2.66 -22.14 -31.44
N GLY C 134 -3.45 -22.16 -32.50
CA GLY C 134 -4.33 -23.27 -32.76
C GLY C 134 -5.33 -22.93 -33.83
N TYR C 135 -6.37 -23.76 -33.94
CA TYR C 135 -7.41 -23.61 -34.95
C TYR C 135 -8.79 -23.80 -34.32
N SER C 136 -9.74 -22.97 -34.75
CA SER C 136 -11.10 -22.98 -34.21
C SER C 136 -11.81 -24.28 -34.53
N GLY C 137 -12.82 -24.58 -33.75
CA GLY C 137 -13.45 -25.88 -33.84
C GLY C 137 -14.85 -25.85 -33.32
N ASN C 138 -15.26 -27.01 -32.82
CA ASN C 138 -16.59 -27.20 -32.30
C ASN C 138 -16.62 -28.30 -31.22
N THR C 139 -15.52 -28.41 -30.45
CA THR C 139 -15.39 -29.38 -29.37
C THR C 139 -16.03 -28.85 -28.08
N GLY C 140 -16.39 -29.74 -27.16
CA GLY C 140 -16.91 -29.37 -25.86
C GLY C 140 -18.38 -28.96 -25.92
N MET C 141 -18.84 -28.27 -24.87
CA MET C 141 -20.21 -27.74 -24.82
C MET C 141 -20.33 -26.60 -25.83
N SER C 142 -20.59 -27.01 -27.06
CA SER C 142 -20.62 -26.11 -28.20
C SER C 142 -21.87 -26.41 -29.01
N THR C 143 -22.43 -25.36 -29.61
CA THR C 143 -23.71 -25.44 -30.31
C THR C 143 -23.60 -25.22 -31.82
N GLY C 144 -22.41 -24.87 -32.29
CA GLY C 144 -22.14 -24.66 -33.71
C GLY C 144 -20.77 -24.00 -33.79
N PRO C 145 -19.97 -24.33 -34.84
CA PRO C 145 -18.54 -23.99 -34.83
C PRO C 145 -18.30 -22.54 -34.45
N HIS C 146 -17.56 -22.35 -33.36
CA HIS C 146 -17.21 -21.03 -32.91
C HIS C 146 -16.00 -21.09 -31.98
N LEU C 147 -15.32 -19.96 -31.84
CA LEU C 147 -14.30 -19.78 -30.81
C LEU C 147 -14.96 -19.16 -29.58
N HIS C 148 -14.85 -19.84 -28.44
CA HIS C 148 -15.19 -19.24 -27.12
C HIS C 148 -13.94 -18.54 -26.56
N TYR C 149 -14.01 -17.22 -26.49
CA TYR C 149 -12.91 -16.34 -26.10
C TYR C 149 -13.23 -15.69 -24.75
N GLU C 150 -12.25 -15.72 -23.83
CA GLU C 150 -12.37 -15.05 -22.53
C GLU C 150 -11.18 -14.17 -22.22
N VAL C 151 -11.46 -13.09 -21.50
CA VAL C 151 -10.44 -12.24 -20.91
C VAL C 151 -10.73 -12.22 -19.40
N ARG C 152 -9.73 -12.60 -18.64
CA ARG C 152 -9.78 -12.55 -17.20
C ARG C 152 -8.73 -11.58 -16.65
N PHE C 153 -9.09 -10.91 -15.57
CA PHE C 153 -8.18 -10.16 -14.73
C PHE C 153 -8.10 -10.89 -13.38
N LEU C 154 -6.96 -11.54 -13.14
CA LEU C 154 -6.78 -12.47 -12.02
C LEU C 154 -7.99 -13.41 -11.79
N ASP C 155 -8.30 -14.26 -12.75
CA ASP C 155 -9.46 -15.16 -12.64
C ASP C 155 -10.76 -14.49 -12.13
N GLN C 156 -10.96 -13.25 -12.58
CA GLN C 156 -12.23 -12.54 -12.52
C GLN C 156 -12.57 -12.29 -13.99
N PRO C 157 -13.56 -13.00 -14.53
CA PRO C 157 -14.06 -12.73 -15.87
C PRO C 157 -14.38 -11.26 -16.11
N ILE C 158 -14.01 -10.77 -17.29
CA ILE C 158 -14.36 -9.42 -17.71
C ILE C 158 -14.82 -9.46 -19.17
N ASN C 159 -15.62 -8.46 -19.53
CA ASN C 159 -16.19 -8.39 -20.87
C ASN C 159 -15.08 -8.35 -21.92
N PRO C 160 -14.96 -9.41 -22.75
CA PRO C 160 -13.93 -9.41 -23.81
C PRO C 160 -14.18 -8.38 -24.92
N MET C 161 -15.42 -7.92 -25.04
CA MET C 161 -15.80 -7.02 -26.12
C MET C 161 -15.11 -5.67 -26.03
N SER C 162 -14.80 -5.23 -24.82
CA SER C 162 -14.03 -4.01 -24.64
C SER C 162 -12.62 -4.13 -25.20
N PHE C 163 -12.06 -5.33 -25.08
CA PHE C 163 -10.70 -5.63 -25.55
C PHE C 163 -10.61 -5.95 -27.02
N THR C 164 -11.60 -6.69 -27.56
CA THR C 164 -11.62 -7.02 -28.99
C THR C 164 -11.84 -5.83 -29.92
N LYS C 165 -12.55 -4.82 -29.44
CA LYS C 165 -12.82 -3.59 -30.24
C LYS C 165 -11.81 -2.49 -29.97
N TRP C 166 -10.95 -2.74 -29.00
CA TRP C 166 -9.87 -1.88 -28.64
C TRP C 166 -8.75 -2.15 -29.63
N ASN C 167 -8.39 -1.12 -30.37
CA ASN C 167 -7.37 -1.23 -31.38
C ASN C 167 -6.67 0.11 -31.52
N MET C 168 -5.61 0.13 -32.31
CA MET C 168 -4.78 1.35 -32.50
C MET C 168 -5.61 2.56 -32.91
N LYS C 169 -6.67 2.32 -33.69
CA LYS C 169 -7.58 3.38 -34.08
C LYS C 169 -8.37 3.87 -32.86
N ASP C 170 -9.13 2.95 -32.27
CA ASP C 170 -10.01 3.24 -31.14
C ASP C 170 -9.27 2.96 -29.84
N PHE C 171 -8.24 3.78 -29.58
CA PHE C 171 -7.25 3.45 -28.56
C PHE C 171 -7.62 3.94 -27.17
N GLU C 172 -7.79 5.25 -27.03
CA GLU C 172 -8.10 5.90 -25.74
C GLU C 172 -9.49 5.50 -25.23
N GLU C 173 -10.33 5.05 -26.15
CA GLU C 173 -11.63 4.42 -25.90
C GLU C 173 -11.74 3.44 -24.72
N VAL C 174 -10.93 2.37 -24.70
CA VAL C 174 -11.02 1.33 -23.63
C VAL C 174 -10.91 1.88 -22.18
N PHE C 175 -10.22 3.01 -22.01
CA PHE C 175 -10.08 3.64 -20.72
C PHE C 175 -11.42 4.19 -20.18
N ASN C 176 -12.30 4.62 -21.08
CA ASN C 176 -13.66 5.04 -20.71
C ASN C 176 -14.72 3.92 -20.72
N LYS C 177 -14.55 2.90 -21.56
CA LYS C 177 -15.54 1.79 -21.66
C LYS C 177 -15.36 0.69 -20.59
N GLU C 178 -14.11 0.27 -20.35
CA GLU C 178 -13.83 -0.80 -19.39
C GLU C 178 -13.21 -0.27 -18.09
N ARG C 179 -14.07 0.14 -17.19
CA ARG C 179 -13.68 0.82 -15.96
C ARG C 179 -13.43 -0.14 -14.80
N SER C 180 -13.55 -1.45 -15.03
CA SER C 180 -13.18 -2.43 -14.01
C SER C 180 -11.65 -2.61 -13.85
N ILE C 181 -10.83 -2.03 -14.73
CA ILE C 181 -9.37 -2.06 -14.61
C ILE C 181 -8.83 -0.72 -14.15
N ARG C 182 -7.78 -0.77 -13.34
CA ARG C 182 -7.18 0.42 -12.78
C ARG C 182 -6.16 0.95 -13.78
N TRP C 183 -6.69 1.48 -14.86
CA TRP C 183 -5.88 1.88 -16.02
C TRP C 183 -4.74 2.82 -15.66
N GLN C 184 -4.99 3.74 -14.75
CA GLN C 184 -4.00 4.79 -14.46
C GLN C 184 -2.73 4.22 -13.79
N SER C 185 -2.88 3.23 -12.92
CA SER C 185 -1.73 2.53 -12.34
C SER C 185 -1.00 1.68 -13.40
N LEU C 186 -1.75 0.99 -14.25
CA LEU C 186 -1.20 0.10 -15.23
C LEU C 186 -0.37 0.84 -16.30
N ILE C 187 -0.95 1.88 -16.86
CA ILE C 187 -0.33 2.63 -17.96
C ILE C 187 0.97 3.30 -17.52
N THR C 188 0.97 3.81 -16.30
CA THR C 188 2.15 4.43 -15.74
C THR C 188 3.30 3.44 -15.69
N ILE C 189 3.01 2.26 -15.13
CA ILE C 189 4.00 1.21 -14.96
C ILE C 189 4.53 0.81 -16.32
N ILE C 190 3.62 0.64 -17.28
CA ILE C 190 3.99 0.30 -18.64
C ILE C 190 4.77 1.41 -19.36
N ASN C 191 4.41 2.69 -19.16
CA ASN C 191 5.23 3.79 -19.73
C ASN C 191 6.69 3.72 -19.23
N ARG C 192 6.89 3.38 -17.95
CA ARG C 192 8.23 3.23 -17.38
C ARG C 192 9.11 2.20 -18.09
N LEU C 193 8.50 1.13 -18.59
CA LEU C 193 9.22 0.10 -19.33
C LEU C 193 9.78 0.57 -20.67
N MET C 194 8.97 1.33 -21.41
CA MET C 194 9.35 1.88 -22.74
C MET C 194 10.60 2.71 -22.69
N GLN C 195 10.62 3.63 -21.73
CA GLN C 195 11.75 4.52 -21.49
C GLN C 195 13.07 3.78 -21.22
N LYS C 196 12.99 2.64 -20.54
CA LYS C 196 14.16 1.76 -20.35
C LYS C 196 14.46 1.02 -21.65
N ASP D 3 23.86 -14.30 -25.57
CA ASP D 3 24.98 -14.31 -26.58
C ASP D 3 24.87 -13.08 -27.51
N ASN D 4 23.86 -13.07 -28.38
CA ASN D 4 23.56 -11.92 -29.24
C ASN D 4 22.19 -11.31 -28.89
N LEU D 5 21.89 -11.25 -27.59
CA LEU D 5 20.74 -10.51 -27.09
C LEU D 5 21.14 -9.05 -27.00
N ASN D 6 20.37 -8.17 -27.62
CA ASN D 6 20.61 -6.72 -27.51
C ASN D 6 20.31 -6.18 -26.09
N LEU D 7 20.68 -4.93 -25.90
CA LEU D 7 20.58 -4.27 -24.61
C LEU D 7 19.12 -4.05 -24.15
N ALA D 8 18.28 -3.63 -25.09
CA ALA D 8 16.85 -3.49 -24.86
C ALA D 8 16.19 -4.78 -24.30
N GLN D 9 16.50 -5.93 -24.89
CA GLN D 9 15.96 -7.19 -24.41
C GLN D 9 16.38 -7.49 -22.96
N LYS D 10 17.61 -7.13 -22.62
CA LYS D 10 18.13 -7.33 -21.28
C LYS D 10 17.45 -6.44 -20.27
N HIS D 11 17.29 -5.18 -20.61
CA HIS D 11 16.62 -4.22 -19.74
C HIS D 11 15.15 -4.57 -19.50
N LEU D 12 14.46 -5.03 -20.54
CA LEU D 12 13.08 -5.41 -20.40
C LEU D 12 12.94 -6.70 -19.58
N ALA D 13 13.81 -7.67 -19.82
CA ALA D 13 13.86 -8.88 -18.98
C ALA D 13 14.06 -8.55 -17.51
N LEU D 14 14.95 -7.60 -17.22
CA LEU D 14 15.27 -7.21 -15.84
C LEU D 14 14.28 -6.29 -15.11
N MET D 15 13.26 -5.80 -15.82
CA MET D 15 12.09 -5.17 -15.23
C MET D 15 10.95 -6.17 -14.96
N LEU D 16 10.83 -7.19 -15.81
CA LEU D 16 9.66 -8.08 -15.81
C LEU D 16 9.84 -9.42 -15.10
N ILE D 17 11.07 -9.81 -14.82
CA ILE D 17 11.37 -11.12 -14.28
C ILE D 17 12.17 -10.90 -13.03
N PRO D 18 11.86 -11.63 -11.93
CA PRO D 18 12.57 -11.36 -10.68
C PRO D 18 14.07 -11.35 -10.88
N ASN D 19 14.72 -10.33 -10.36
CA ASN D 19 16.17 -10.27 -10.39
C ASN D 19 16.68 -9.45 -9.24
N GLY D 20 17.90 -9.71 -8.83
CA GLY D 20 18.54 -8.88 -7.82
C GLY D 20 18.05 -9.16 -6.43
N MET D 21 18.42 -8.27 -5.52
CA MET D 21 18.19 -8.45 -4.08
C MET D 21 16.91 -7.72 -3.63
N PRO D 22 15.95 -8.46 -3.06
CA PRO D 22 14.72 -7.87 -2.53
C PRO D 22 14.87 -7.24 -1.14
N ILE D 23 16.06 -7.33 -0.57
CA ILE D 23 16.30 -6.78 0.76
C ILE D 23 17.74 -6.31 0.77
N LYS D 24 17.98 -5.13 1.32
CA LYS D 24 19.28 -4.49 1.22
C LYS D 24 20.18 -4.78 2.41
N THR D 25 19.61 -5.08 3.57
CA THR D 25 20.35 -5.43 4.80
C THR D 25 20.12 -6.92 5.06
N TYR D 26 21.21 -7.68 5.20
CA TYR D 26 21.14 -9.06 5.63
C TYR D 26 22.53 -9.52 6.05
N SER D 27 22.55 -10.58 6.85
CA SER D 27 23.82 -11.17 7.28
C SER D 27 24.17 -12.45 6.55
N ALA D 28 23.17 -13.18 6.07
CA ALA D 28 23.39 -14.45 5.36
C ALA D 28 22.26 -14.84 4.37
N ILE D 29 22.64 -15.62 3.34
CA ILE D 29 21.69 -16.25 2.43
C ILE D 29 21.81 -17.77 2.53
N LYS D 30 20.80 -18.46 3.06
CA LYS D 30 20.82 -19.93 3.11
C LYS D 30 19.57 -20.59 2.51
N PRO D 31 19.74 -21.72 1.80
CA PRO D 31 18.56 -22.39 1.26
C PRO D 31 17.64 -22.85 2.36
N THR D 32 16.34 -22.67 2.16
CA THR D 32 15.30 -23.09 3.12
C THR D 32 15.27 -24.59 3.32
N LYS D 33 15.67 -25.31 2.28
CA LYS D 33 16.10 -26.71 2.34
C LYS D 33 17.03 -27.08 3.52
N GLU D 34 17.83 -26.14 4.04
CA GLU D 34 18.69 -26.36 5.25
C GLU D 34 18.02 -26.17 6.63
N ARG D 35 16.73 -25.80 6.66
CA ARG D 35 16.03 -25.63 7.92
C ARG D 35 14.70 -26.37 7.88
N ASN D 36 14.00 -26.36 9.00
CA ASN D 36 12.66 -26.93 9.07
C ASN D 36 11.72 -26.08 8.22
N HIS D 37 11.07 -26.68 7.22
CA HIS D 37 10.23 -25.95 6.28
C HIS D 37 9.09 -25.25 7.05
N PRO D 38 8.59 -24.09 6.55
CA PRO D 38 7.53 -23.39 7.30
C PRO D 38 6.18 -24.14 7.46
N ILE D 39 5.77 -24.89 6.45
CA ILE D 39 4.60 -25.77 6.55
C ILE D 39 4.95 -27.19 7.01
N LYS D 40 5.74 -27.88 6.20
CA LYS D 40 6.09 -29.29 6.42
C LYS D 40 6.91 -29.57 7.69
N LYS D 41 7.66 -28.56 8.16
CA LYS D 41 8.44 -28.65 9.41
C LYS D 41 9.56 -29.70 9.36
N ILE D 42 10.07 -29.97 8.16
CA ILE D 42 11.17 -30.91 7.95
C ILE D 42 12.28 -30.31 7.06
N LYS D 43 13.46 -30.91 7.14
CA LYS D 43 14.58 -30.51 6.30
C LYS D 43 14.44 -31.16 4.93
N GLY D 44 15.29 -30.73 4.01
CA GLY D 44 15.37 -31.31 2.67
C GLY D 44 14.31 -30.89 1.67
N VAL D 45 13.50 -29.90 2.01
CA VAL D 45 12.45 -29.43 1.08
C VAL D 45 13.02 -28.34 0.16
N GLU D 46 13.01 -28.60 -1.15
CA GLU D 46 13.38 -27.60 -2.16
C GLU D 46 12.34 -26.47 -2.14
N SER D 47 12.74 -25.31 -1.63
CA SER D 47 11.80 -24.28 -1.22
C SER D 47 12.38 -22.86 -1.13
N GLY D 48 13.29 -22.49 -2.02
CA GLY D 48 13.79 -21.13 -2.04
C GLY D 48 14.84 -20.86 -0.97
N ILE D 49 14.94 -19.62 -0.55
CA ILE D 49 16.04 -19.17 0.30
C ILE D 49 15.55 -18.33 1.46
N ASP D 50 16.46 -18.09 2.39
CA ASP D 50 16.23 -17.29 3.54
C ASP D 50 17.34 -16.26 3.66
N PHE D 51 16.94 -15.01 3.88
CA PHE D 51 17.84 -13.92 4.16
C PHE D 51 17.76 -13.69 5.63
N ILE D 52 18.86 -13.95 6.32
CA ILE D 52 18.90 -13.70 7.74
C ILE D 52 19.04 -12.20 7.86
N ALA D 53 18.02 -11.57 8.43
CA ALA D 53 17.92 -10.13 8.48
C ALA D 53 17.15 -9.70 9.73
N PRO D 54 17.58 -8.61 10.37
CA PRO D 54 16.85 -8.15 11.56
C PRO D 54 15.43 -7.62 11.28
N LEU D 55 14.59 -7.66 12.31
CA LEU D 55 13.18 -7.25 12.23
C LEU D 55 13.08 -5.82 11.70
N ASN D 56 12.11 -5.60 10.82
CA ASN D 56 11.88 -4.30 10.20
C ASN D 56 12.99 -3.83 9.28
N THR D 57 13.53 -4.76 8.50
CA THR D 57 14.29 -4.44 7.31
C THR D 57 13.29 -4.32 6.16
N PRO D 58 13.32 -3.21 5.41
CA PRO D 58 12.37 -3.00 4.34
C PRO D 58 12.57 -4.02 3.23
N VAL D 59 11.46 -4.37 2.58
CA VAL D 59 11.43 -5.43 1.57
C VAL D 59 10.87 -4.87 0.28
N TYR D 60 11.48 -5.23 -0.84
CA TYR D 60 11.21 -4.60 -2.12
C TYR D 60 10.88 -5.61 -3.21
N ALA D 61 9.98 -5.22 -4.11
CA ALA D 61 9.57 -6.06 -5.22
C ALA D 61 10.74 -6.31 -6.19
N SER D 62 10.97 -7.57 -6.56
CA SER D 62 12.11 -7.92 -7.41
C SER D 62 11.85 -7.78 -8.91
N ALA D 63 10.59 -7.55 -9.28
CA ALA D 63 10.21 -7.16 -10.63
C ALA D 63 8.78 -6.57 -10.63
N ASP D 64 8.41 -5.95 -11.76
CA ASP D 64 7.06 -5.45 -11.97
C ASP D 64 6.06 -6.61 -11.95
N GLY D 65 4.82 -6.28 -11.62
CA GLY D 65 3.78 -7.29 -11.60
C GLY D 65 2.51 -6.82 -10.93
N ILE D 66 1.86 -7.79 -10.31
CA ILE D 66 0.61 -7.55 -9.63
C ILE D 66 0.57 -8.50 -8.43
N VAL D 67 0.18 -7.97 -7.29
CA VAL D 67 0.04 -8.73 -6.06
C VAL D 67 -1.17 -9.63 -6.24
N ASP D 68 -1.01 -10.93 -6.08
CA ASP D 68 -2.15 -11.84 -6.21
C ASP D 68 -2.58 -12.40 -4.87
N PHE D 69 -1.74 -12.30 -3.85
CA PHE D 69 -1.98 -13.01 -2.60
C PHE D 69 -1.21 -12.33 -1.47
N VAL D 70 -1.89 -12.12 -0.35
CA VAL D 70 -1.30 -11.51 0.82
C VAL D 70 -1.82 -12.32 2.02
N LYS D 71 -0.97 -12.49 3.03
CA LYS D 71 -1.41 -12.82 4.37
C LYS D 71 -0.98 -11.71 5.27
N THR D 72 -1.92 -11.20 6.06
CA THR D 72 -1.60 -10.26 7.15
C THR D 72 -2.20 -10.85 8.41
N ASN D 73 -1.68 -10.42 9.55
CA ASN D 73 -2.15 -10.84 10.85
C ASN D 73 -2.19 -12.36 10.96
N SER D 74 -1.14 -13.00 10.49
CA SER D 74 -1.11 -14.44 10.45
C SER D 74 0.21 -14.94 10.95
N ASN D 75 0.27 -15.24 12.24
CA ASN D 75 1.46 -15.80 12.82
C ASN D 75 1.53 -17.37 12.78
N VAL D 76 1.26 -17.96 11.63
CA VAL D 76 1.42 -19.41 11.42
C VAL D 76 1.96 -19.69 10.02
N GLY D 77 2.60 -20.84 9.87
CA GLY D 77 3.13 -21.30 8.59
C GLY D 77 4.21 -20.38 8.03
N TYR D 78 3.97 -19.86 6.83
CA TYR D 78 4.82 -18.83 6.24
C TYR D 78 4.68 -17.49 6.95
N GLY D 79 3.68 -17.35 7.80
CA GLY D 79 3.50 -16.08 8.51
C GLY D 79 2.84 -15.07 7.60
N ASN D 80 3.20 -13.80 7.74
CA ASN D 80 2.70 -12.75 6.87
C ASN D 80 3.49 -12.76 5.59
N LEU D 81 2.77 -12.58 4.49
CA LEU D 81 3.41 -12.65 3.20
C LEU D 81 2.74 -11.87 2.10
N VAL D 82 3.51 -11.68 1.03
CA VAL D 82 3.02 -11.10 -0.23
C VAL D 82 3.47 -12.06 -1.32
N ARG D 83 2.60 -12.38 -2.26
CA ARG D 83 3.02 -13.04 -3.48
C ARG D 83 2.74 -12.12 -4.65
N ILE D 84 3.73 -11.98 -5.52
CA ILE D 84 3.58 -11.15 -6.71
C ILE D 84 3.59 -12.02 -7.97
N GLU D 85 2.61 -11.81 -8.82
CA GLU D 85 2.56 -12.45 -10.12
C GLU D 85 3.31 -11.56 -11.10
N HIS D 86 4.30 -12.12 -11.78
CA HIS D 86 5.04 -11.38 -12.80
C HIS D 86 4.67 -11.90 -14.17
N ALA D 87 5.12 -11.18 -15.20
CA ALA D 87 4.95 -11.64 -16.60
C ALA D 87 5.64 -12.99 -16.85
N PHE D 88 5.15 -13.70 -17.87
CA PHE D 88 5.73 -14.94 -18.38
C PHE D 88 5.78 -16.07 -17.37
N GLY D 89 4.75 -16.12 -16.52
CA GLY D 89 4.55 -17.24 -15.60
C GLY D 89 5.43 -17.24 -14.35
N PHE D 90 6.24 -16.22 -14.20
CA PHE D 90 7.05 -16.10 -13.00
C PHE D 90 6.25 -15.48 -11.84
N SER D 91 6.60 -15.90 -10.62
CA SER D 91 6.08 -15.30 -9.43
C SER D 91 7.15 -15.29 -8.38
N SER D 92 6.94 -14.43 -7.39
CA SER D 92 7.86 -14.32 -6.26
C SER D 92 7.05 -14.12 -5.00
N ILE D 93 7.60 -14.58 -3.88
CA ILE D 93 6.89 -14.63 -2.62
C ILE D 93 7.86 -14.22 -1.56
N TYR D 94 7.33 -13.45 -0.60
CA TYR D 94 8.08 -12.83 0.48
C TYR D 94 7.31 -13.14 1.74
N THR D 95 7.98 -13.71 2.72
CA THR D 95 7.36 -14.44 3.82
C THR D 95 8.07 -14.12 5.14
N HIS D 96 7.36 -14.39 6.25
CA HIS D 96 7.77 -14.07 7.63
C HIS D 96 7.78 -12.61 7.97
N LEU D 97 7.06 -11.81 7.17
CA LEU D 97 7.08 -10.37 7.28
C LEU D 97 6.47 -9.91 8.62
N ASP D 98 6.92 -8.76 9.10
CA ASP D 98 6.33 -8.13 10.27
C ASP D 98 5.15 -7.21 9.89
N HIS D 99 5.19 -6.67 8.69
CA HIS D 99 4.19 -5.74 8.21
C HIS D 99 4.18 -5.85 6.72
N VAL D 100 2.98 -5.80 6.15
CA VAL D 100 2.75 -5.80 4.74
C VAL D 100 2.27 -4.38 4.38
N ASN D 101 2.79 -3.80 3.31
CA ASN D 101 2.39 -2.47 2.85
C ASN D 101 1.48 -2.43 1.64
N VAL D 102 1.27 -3.58 1.00
CA VAL D 102 0.49 -3.63 -0.22
C VAL D 102 -0.74 -4.52 -0.03
N GLN D 103 -1.67 -4.43 -0.97
CA GLN D 103 -2.92 -5.18 -0.94
C GLN D 103 -3.00 -6.13 -2.14
N PRO D 104 -3.79 -7.23 -2.00
CA PRO D 104 -4.14 -8.09 -3.14
C PRO D 104 -4.68 -7.31 -4.33
N LYS D 105 -4.24 -7.68 -5.52
CA LYS D 105 -4.64 -7.07 -6.77
C LYS D 105 -4.02 -5.73 -7.10
N SER D 106 -3.24 -5.10 -6.22
CA SER D 106 -2.52 -3.88 -6.63
C SER D 106 -1.39 -4.16 -7.65
N PHE D 107 -1.23 -3.25 -8.59
CA PHE D 107 -0.09 -3.32 -9.47
C PHE D 107 1.14 -2.95 -8.68
N ILE D 108 2.29 -3.45 -9.14
CA ILE D 108 3.57 -3.32 -8.43
C ILE D 108 4.65 -2.97 -9.43
N GLN D 109 5.48 -2.01 -9.06
CA GLN D 109 6.74 -1.70 -9.74
C GLN D 109 7.93 -2.36 -9.07
N LYS D 110 8.91 -2.77 -9.86
CA LYS D 110 10.20 -3.20 -9.37
C LYS D 110 10.79 -2.15 -8.46
N GLY D 111 11.35 -2.58 -7.33
CA GLY D 111 11.89 -1.68 -6.33
C GLY D 111 10.87 -1.09 -5.37
N GLN D 112 9.60 -1.37 -5.58
CA GLN D 112 8.56 -0.84 -4.70
C GLN D 112 8.60 -1.56 -3.35
N LEU D 113 8.48 -0.78 -2.28
CA LEU D 113 8.33 -1.32 -0.95
C LEU D 113 7.08 -2.18 -0.87
N ILE D 114 7.22 -3.41 -0.44
CA ILE D 114 6.03 -4.25 -0.24
C ILE D 114 5.80 -4.62 1.22
N GLY D 115 6.80 -4.37 2.05
CA GLY D 115 6.75 -4.85 3.40
C GLY D 115 8.02 -4.66 4.18
N TYR D 116 8.00 -5.24 5.37
CA TYR D 116 9.07 -5.15 6.31
C TYR D 116 9.25 -6.53 6.90
N SER D 117 10.51 -6.96 6.98
CA SER D 117 10.85 -8.31 7.41
C SER D 117 10.48 -8.51 8.88
N GLY D 118 10.20 -9.72 9.29
CA GLY D 118 10.05 -10.02 10.70
C GLY D 118 10.38 -11.46 11.00
N LYS D 119 9.53 -12.09 11.79
CA LYS D 119 9.71 -13.49 12.13
C LYS D 119 8.37 -14.18 12.37
N SER D 120 7.34 -13.80 11.62
CA SER D 120 6.01 -14.35 11.79
C SER D 120 5.95 -15.78 11.22
N GLY D 121 5.06 -16.61 11.80
CA GLY D 121 4.94 -18.01 11.39
C GLY D 121 6.15 -18.83 11.81
N ASN D 122 6.39 -19.94 11.12
CA ASN D 122 7.47 -20.87 11.44
C ASN D 122 8.73 -20.42 10.74
N SER D 123 9.32 -19.37 11.30
CA SER D 123 10.45 -18.67 10.67
C SER D 123 11.82 -19.16 11.14
N GLY D 124 11.90 -19.64 12.39
CA GLY D 124 13.17 -19.99 12.98
C GLY D 124 14.03 -18.77 13.24
N GLY D 125 13.37 -17.66 13.59
CA GLY D 125 14.03 -16.38 13.88
C GLY D 125 13.77 -15.30 12.84
N GLU D 126 14.45 -14.18 13.02
CA GLU D 126 14.31 -13.00 12.17
C GLU D 126 14.95 -13.23 10.81
N LYS D 127 14.11 -13.30 9.78
CA LYS D 127 14.56 -13.53 8.40
C LYS D 127 13.46 -13.17 7.37
N LEU D 128 13.87 -12.99 6.14
CA LEU D 128 12.97 -12.98 5.01
C LEU D 128 13.11 -14.31 4.27
N HIS D 129 12.01 -15.04 4.13
CA HIS D 129 11.93 -16.17 3.22
C HIS D 129 11.45 -15.71 1.84
N TYR D 130 12.12 -16.19 0.79
CA TYR D 130 11.92 -15.70 -0.60
C TYR D 130 11.98 -16.86 -1.56
N GLU D 131 11.01 -16.94 -2.46
CA GLU D 131 10.99 -17.96 -3.50
C GLU D 131 10.68 -17.29 -4.81
N VAL D 132 11.31 -17.78 -5.86
CA VAL D 132 10.95 -17.47 -7.21
C VAL D 132 10.42 -18.76 -7.82
N ARG D 133 9.28 -18.67 -8.51
CA ARG D 133 8.63 -19.79 -9.17
C ARG D 133 8.31 -19.52 -10.65
N PHE D 134 8.21 -20.60 -11.44
CA PHE D 134 7.74 -20.57 -12.83
C PHE D 134 6.55 -21.49 -12.92
N LEU D 135 5.40 -20.94 -13.36
CA LEU D 135 4.10 -21.59 -13.29
C LEU D 135 3.92 -22.46 -12.05
N GLY D 136 4.32 -21.92 -10.91
CA GLY D 136 4.17 -22.64 -9.63
C GLY D 136 5.30 -23.61 -9.29
N LYS D 137 6.32 -23.74 -10.11
CA LYS D 137 7.39 -24.68 -9.86
C LYS D 137 8.55 -23.95 -9.23
N ILE D 138 9.10 -24.51 -8.17
CA ILE D 138 10.20 -23.92 -7.45
C ILE D 138 11.51 -23.93 -8.25
N LEU D 139 12.12 -22.75 -8.35
CA LEU D 139 13.35 -22.57 -9.07
C LEU D 139 14.46 -22.37 -8.07
N ASP D 140 15.69 -22.26 -8.57
CA ASP D 140 16.83 -21.86 -7.75
C ASP D 140 16.88 -20.35 -7.67
N ALA D 141 16.45 -19.83 -6.52
CA ALA D 141 16.37 -18.40 -6.27
C ALA D 141 17.70 -17.67 -6.38
N GLN D 142 18.80 -18.32 -5.98
CA GLN D 142 20.15 -17.71 -6.05
C GLN D 142 20.58 -17.35 -7.49
N LYS D 143 20.08 -18.09 -8.46
CA LYS D 143 20.39 -17.79 -9.83
C LYS D 143 19.71 -16.50 -10.28
N PHE D 144 18.60 -16.12 -9.61
CA PHE D 144 17.92 -14.84 -9.83
C PHE D 144 18.47 -13.68 -8.99
N LEU D 145 18.99 -13.95 -7.80
CA LEU D 145 19.62 -12.91 -6.98
C LEU D 145 20.82 -12.25 -7.61
N ALA D 146 21.61 -13.09 -8.30
CA ALA D 146 22.90 -12.71 -8.90
C ALA D 146 22.75 -12.26 -10.36
N TRP D 147 21.54 -12.37 -10.86
CA TRP D 147 21.22 -12.01 -12.22
C TRP D 147 21.15 -10.50 -12.34
N ASP D 148 21.99 -9.94 -13.19
CA ASP D 148 21.90 -8.52 -13.53
C ASP D 148 22.53 -8.34 -14.90
N LEU D 149 22.68 -7.09 -15.31
CA LEU D 149 23.22 -6.74 -16.62
C LEU D 149 24.66 -7.26 -16.85
N ASP D 150 25.45 -7.29 -15.78
CA ASP D 150 26.82 -7.83 -15.81
C ASP D 150 26.93 -9.34 -15.70
N HIS D 151 25.92 -9.98 -15.12
CA HIS D 151 25.95 -11.41 -14.90
C HIS D 151 24.67 -11.98 -15.48
N PHE D 152 24.45 -11.67 -16.77
CA PHE D 152 23.17 -11.92 -17.43
C PHE D 152 22.86 -13.40 -17.69
N GLN D 153 23.89 -14.24 -17.71
CA GLN D 153 23.68 -15.66 -17.94
C GLN D 153 23.12 -16.35 -16.74
N SER D 154 23.32 -15.80 -15.55
CA SER D 154 22.95 -16.47 -14.30
C SER D 154 21.56 -17.15 -14.29
N ALA D 155 20.50 -16.40 -14.61
CA ALA D 155 19.12 -16.93 -14.61
C ALA D 155 18.85 -17.87 -15.76
N LEU D 156 19.53 -17.64 -16.88
CA LEU D 156 19.38 -18.52 -18.07
C LEU D 156 19.81 -19.99 -17.83
N GLU D 157 20.59 -20.22 -16.79
CA GLU D 157 20.95 -21.58 -16.35
C GLU D 157 19.83 -22.36 -15.67
N GLU D 158 18.77 -21.67 -15.24
CA GLU D 158 17.61 -22.33 -14.68
C GLU D 158 16.68 -22.69 -15.84
N ASN D 159 17.01 -23.79 -16.51
CA ASN D 159 16.42 -24.13 -17.81
C ASN D 159 15.82 -25.53 -17.91
N LYS D 160 15.70 -26.22 -16.79
CA LYS D 160 14.99 -27.47 -16.75
C LYS D 160 13.55 -27.27 -17.26
N PHE D 161 12.89 -26.21 -16.81
CA PHE D 161 11.50 -25.92 -17.16
C PHE D 161 11.28 -24.73 -18.11
N ILE D 162 12.32 -23.96 -18.38
CA ILE D 162 12.16 -22.71 -19.09
C ILE D 162 13.01 -22.73 -20.32
N GLU D 163 12.37 -22.60 -21.48
CA GLU D 163 13.05 -22.41 -22.72
C GLU D 163 13.32 -20.92 -22.93
N TRP D 164 14.46 -20.47 -22.41
CA TRP D 164 14.82 -19.05 -22.40
C TRP D 164 14.89 -18.42 -23.76
N LYS D 165 15.40 -19.17 -24.75
CA LYS D 165 15.48 -18.72 -26.15
C LYS D 165 14.11 -18.28 -26.68
N ASN D 166 13.11 -19.07 -26.35
CA ASN D 166 11.72 -18.77 -26.70
C ASN D 166 11.21 -17.45 -26.07
N LEU D 167 11.55 -17.23 -24.80
CA LEU D 167 11.21 -15.98 -24.09
C LEU D 167 11.85 -14.74 -24.69
N PHE D 168 13.13 -14.84 -25.02
CA PHE D 168 13.81 -13.72 -25.69
C PHE D 168 13.30 -13.43 -27.09
N TRP D 169 12.92 -14.45 -27.82
CA TRP D 169 12.25 -14.27 -29.10
C TRP D 169 10.94 -13.46 -28.95
N VAL D 170 10.20 -13.75 -27.89
CA VAL D 170 9.03 -12.94 -27.53
C VAL D 170 9.43 -11.52 -27.14
N LEU D 171 10.50 -11.35 -26.36
CA LEU D 171 10.96 -9.98 -26.01
C LEU D 171 11.50 -9.19 -27.20
N GLU D 172 12.22 -9.89 -28.08
CA GLU D 172 12.71 -9.30 -29.33
C GLU D 172 11.55 -8.70 -30.12
N ASP D 173 10.43 -9.42 -30.17
CA ASP D 173 9.25 -8.92 -30.86
C ASP D 173 8.73 -7.63 -30.25
N ILE D 174 8.87 -7.46 -28.94
CA ILE D 174 8.43 -6.23 -28.26
C ILE D 174 9.42 -5.10 -28.50
N VAL D 175 10.70 -5.40 -28.36
CA VAL D 175 11.76 -4.41 -28.52
C VAL D 175 11.93 -3.85 -29.94
N GLN D 176 11.72 -4.68 -30.96
CA GLN D 176 11.72 -4.22 -32.37
C GLN D 176 10.95 -2.90 -32.62
N LEU D 177 9.89 -2.66 -31.84
CA LEU D 177 9.06 -1.47 -32.00
C LEU D 177 9.89 -0.20 -31.90
N GLN D 178 10.62 -0.07 -30.79
CA GLN D 178 11.47 1.11 -30.48
C GLN D 178 12.53 1.48 -31.55
N GLU D 179 12.94 0.50 -32.37
CA GLU D 179 13.97 0.73 -33.41
C GLU D 179 13.38 1.46 -34.63
ZN ZN E . 2.02 4.46 37.31
ZN ZN F . -19.14 -19.67 -25.07
#